data_8R4B
#
_entry.id   8R4B
#
loop_
_entity.id
_entity.type
_entity.pdbx_description
1 polymer 'Rab family protein'
2 polymer NbRoco1
3 polymer NbRoco2
4 non-polymer "5'-GUANOSINE-DIPHOSPHATE-MONOTHIOPHOSPHATE"
#
loop_
_entity_poly.entity_id
_entity_poly.type
_entity_poly.pdbx_seq_one_letter_code
_entity_poly.pdbx_strand_id
1 'polypeptide(L)'
;GAMGSMSDLDVIRQIEQELGMQLEPVDKLKWYSKGYKLDKDQRVTAIGLYDCGSDTLDRIIQPLESLKSLSELSLSSNQI
TDISPLASLNSLSMLWLDRNQITDIAPLASLNSLSMLWLFGNKISDIAPLESLKSLTELQLSSNQITDIAPLASLKSLTE
LSLSGNNISDIAPLESLKSLTELSLSSNQITDIAPLASLKSLTELSLSSNQISDIAPLESLKSLTELQLSRNQISDIAPL
ESLKSLTELQLSSNQITDIAPLASLKSLTELQLSRNQISDIAPLESLNSLSKLWLNGNQITDIAPLASLNSLTELELSSN
QITDIAPLASLKSLSTLWLSSNQISDIAPLASLESLSELSLSSNQISDISPLASLNSLTGFDVRRNPIKRLPETITGFDM
EILWNDFSSSGFITFFDNPLESPPPEIVKQGKEAVRQYFQSIEEARSKGEALVHLQEIKVHLIGDGMAGKTSLLKQLIGE
TFDPKESQTHGLNVVTKQAPNIKGLENDDELKECLFHFWDFGGQEIMHASHQFFMTRSSVYMLLLDSRTDSNKHYWLRHI
EKYGGKSPVIVVMNKIDENPSYNIEQKKINERFPAIENRFHRISCKNGDGVESIAKSLKSAVLHPDSIYGTPLAPSWIKV
KEKLVEATTAQRYLNRTEVEKICNDSGITDPGERKTLLGYLNNLGIVLYFEALDLSEIYVLDPHWVTIGVYRIINSSKTK
NGHLNTSALGYILNEEQIRCDEYDPAKNNKFTYTLLEQRYLLDIMKQFELCYDEGKGLFIIPSNLPTQIDNEPEITEGEP
LRFIMKYDYLPSTIIPRLMIAMQHQILDRMQWRYGMVLKSQDHEGALAKVVAETKDSTITIAIQGEPRCKREYLSIIWYE
IKKINANFTNLDVKEFIPLPGHPDELVEYKELLGLEKMGRDEYVSGKLEKVFSVSKMLDSVISKEERNKERLMGDINIKL
ENIGNPTIPIHQQVEVNVSQETVQHVENLQGFFENLKADILREAELEIDDPKERKRLANELELAENAITKMDAAVKSGKN
KLKPDVKDRLGEFIDNLANENSRLRKGIALVMNGAEKVQKLARYYNNVAPFFDLPSVPPVLLGKEKT
;
A
2 'polypeptide(L)'
;QVQLQESGGGLVQAGGSLRLSCANSGLTFSTYTMGWFRQAPGKEREFVAAIRWSGTSTYYQDHADSVKGRFTISRDNAKN
TVYLQMNSLKPEDTAVYYCAASRLRAGVKAPSEYDYWGQGTQVTVSSHHHHHHEPEA
;
B
3 'polypeptide(L)'
;QVQLQESGGGLVQPGGSLRLSCAASGKLLSINVMGWYRQAPGKQRELVASITTGGRINYADSVKGRFTITRDNAKNTVYL
QMDSLKPEDTAVYYCNADGIIAGLYQNDHWGQGTQVTVSSHHHHHHEPEA
;
C
#
# COMPACT_ATOMS: atom_id res chain seq x y z
N ASP A 8 13.25 61.35 -40.85
CA ASP A 8 13.72 62.33 -39.88
C ASP A 8 13.40 61.90 -38.45
N LEU A 9 14.31 62.22 -37.52
CA LEU A 9 14.05 61.91 -36.12
C LEU A 9 12.82 62.65 -35.61
N ASP A 10 12.48 63.79 -36.20
CA ASP A 10 11.22 64.45 -35.87
C ASP A 10 10.02 63.56 -36.23
N VAL A 11 10.07 62.94 -37.41
CA VAL A 11 9.01 62.02 -37.81
C VAL A 11 8.97 60.81 -36.88
N ILE A 12 10.14 60.30 -36.50
CA ILE A 12 10.20 59.17 -35.58
C ILE A 12 9.59 59.54 -34.24
N ARG A 13 9.88 60.72 -33.73
CA ARG A 13 9.29 61.17 -32.47
C ARG A 13 7.78 61.37 -32.61
N GLN A 14 7.33 61.85 -33.77
CA GLN A 14 5.90 61.98 -34.00
C GLN A 14 5.21 60.62 -33.91
N ILE A 15 5.78 59.62 -34.59
CA ILE A 15 5.25 58.26 -34.50
C ILE A 15 5.29 57.77 -33.06
N GLU A 16 6.36 58.08 -32.35
CA GLU A 16 6.52 57.63 -30.98
C GLU A 16 5.42 58.17 -30.07
N GLN A 17 5.07 59.46 -30.20
CA GLN A 17 4.06 59.96 -29.28
C GLN A 17 2.67 59.54 -29.75
N GLU A 18 2.49 59.34 -31.07
CA GLU A 18 1.21 58.86 -31.56
C GLU A 18 0.92 57.45 -31.06
N LEU A 19 1.94 56.58 -31.03
CA LEU A 19 1.78 55.23 -30.52
C LEU A 19 2.11 55.10 -29.05
N GLY A 20 2.78 56.08 -28.45
CA GLY A 20 3.19 55.94 -27.06
C GLY A 20 4.15 54.80 -26.83
N MET A 21 4.96 54.46 -27.83
CA MET A 21 5.90 53.36 -27.76
C MET A 21 7.31 53.88 -28.02
N GLN A 22 8.26 53.39 -27.24
CA GLN A 22 9.65 53.87 -27.31
C GLN A 22 10.36 53.18 -28.46
N LEU A 23 10.32 53.80 -29.63
CA LEU A 23 11.13 53.34 -30.74
C LEU A 23 12.60 53.59 -30.45
N GLU A 24 13.44 52.62 -30.79
CA GLU A 24 14.83 52.62 -30.38
C GLU A 24 15.76 52.57 -31.58
N PRO A 25 16.80 53.41 -31.62
CA PRO A 25 17.81 53.27 -32.68
C PRO A 25 18.46 51.90 -32.62
N VAL A 26 18.25 51.11 -33.67
CA VAL A 26 18.59 49.71 -33.70
C VAL A 26 19.42 49.43 -34.96
N ASP A 27 19.74 48.16 -35.16
CA ASP A 27 20.53 47.66 -36.27
C ASP A 27 19.64 46.79 -37.15
N LYS A 28 20.26 46.05 -38.06
CA LYS A 28 19.58 45.33 -39.14
C LYS A 28 18.22 44.77 -38.68
N LEU A 29 17.19 45.11 -39.45
CA LEU A 29 15.82 44.94 -39.00
C LEU A 29 15.42 43.47 -38.96
N LYS A 30 14.60 43.11 -37.98
CA LYS A 30 14.05 41.78 -37.82
C LYS A 30 12.53 41.87 -37.75
N TRP A 31 11.88 40.72 -37.94
CA TRP A 31 10.42 40.69 -37.94
C TRP A 31 9.83 41.10 -36.61
N TYR A 32 10.57 40.98 -35.51
CA TYR A 32 10.11 41.36 -34.19
C TYR A 32 10.74 42.66 -33.70
N SER A 33 11.17 43.51 -34.62
CA SER A 33 11.88 44.74 -34.27
C SER A 33 10.91 45.89 -34.10
N LYS A 34 11.22 46.79 -33.16
CA LYS A 34 10.35 47.91 -32.82
C LYS A 34 11.13 49.21 -32.76
N GLY A 35 12.10 49.39 -33.65
CA GLY A 35 12.91 50.58 -33.70
C GLY A 35 13.11 51.05 -35.14
N TYR A 36 14.25 51.69 -35.37
CA TYR A 36 14.57 52.28 -36.66
C TYR A 36 16.06 52.13 -36.93
N LYS A 37 16.42 52.30 -38.20
CA LYS A 37 17.80 52.26 -38.65
C LYS A 37 18.14 53.54 -39.39
N LEU A 38 19.28 54.13 -39.07
CA LEU A 38 19.72 55.38 -39.66
C LEU A 38 20.70 55.10 -40.80
N ASP A 39 21.36 56.15 -41.28
CA ASP A 39 22.24 56.05 -42.44
C ASP A 39 23.38 57.04 -42.26
N LYS A 40 24.08 57.35 -43.34
CA LYS A 40 25.24 58.22 -43.29
C LYS A 40 24.88 59.58 -42.69
N ASP A 41 23.97 60.30 -43.35
CA ASP A 41 23.53 61.62 -42.90
C ASP A 41 22.24 61.55 -42.09
N GLN A 42 22.03 60.45 -41.36
CA GLN A 42 20.91 60.29 -40.45
C GLN A 42 19.56 60.35 -41.18
N ARG A 43 19.38 59.40 -42.09
CA ARG A 43 18.14 59.24 -42.82
C ARG A 43 17.50 57.90 -42.48
N VAL A 44 16.19 57.92 -42.22
CA VAL A 44 15.47 56.72 -41.81
C VAL A 44 15.26 55.83 -43.02
N THR A 45 15.58 54.54 -42.85
CA THR A 45 15.49 53.59 -43.96
C THR A 45 14.70 52.34 -43.56
N ALA A 46 14.77 51.97 -42.28
CA ALA A 46 14.14 50.76 -41.78
C ALA A 46 13.37 51.08 -40.51
N ILE A 47 12.12 50.63 -40.44
CA ILE A 47 11.24 50.91 -39.31
C ILE A 47 10.46 49.64 -38.96
N GLY A 48 10.41 49.31 -37.68
CA GLY A 48 9.67 48.16 -37.23
C GLY A 48 8.55 48.50 -36.26
N LEU A 49 7.33 48.07 -36.58
CA LEU A 49 6.16 48.27 -35.73
C LEU A 49 5.60 46.89 -35.42
N TYR A 50 6.14 46.24 -34.39
CA TYR A 50 5.73 44.92 -33.99
C TYR A 50 4.68 45.01 -32.90
N ASP A 51 3.47 44.55 -33.20
CA ASP A 51 2.35 44.56 -32.25
C ASP A 51 2.06 45.98 -31.76
N CYS A 52 1.67 46.83 -32.72
CA CYS A 52 1.34 48.23 -32.44
C CYS A 52 -0.15 48.49 -32.44
N GLY A 53 -0.97 47.44 -32.41
CA GLY A 53 -2.41 47.60 -32.45
C GLY A 53 -2.97 47.46 -33.86
N SER A 54 -4.28 47.32 -33.93
CA SER A 54 -4.96 47.13 -35.20
C SER A 54 -5.21 48.43 -35.96
N ASP A 55 -5.04 49.58 -35.31
CA ASP A 55 -5.30 50.87 -35.94
C ASP A 55 -4.02 51.60 -36.30
N THR A 56 -2.91 50.88 -36.44
CA THR A 56 -1.63 51.54 -36.68
C THR A 56 -1.51 52.04 -38.11
N LEU A 57 -1.91 51.23 -39.09
CA LEU A 57 -1.62 51.56 -40.49
C LEU A 57 -2.34 52.83 -40.93
N ASP A 58 -3.60 52.99 -40.51
CA ASP A 58 -4.37 54.15 -40.92
C ASP A 58 -3.94 55.43 -40.21
N ARG A 59 -3.07 55.34 -39.21
CA ARG A 59 -2.69 56.48 -38.40
C ARG A 59 -1.26 56.93 -38.59
N ILE A 60 -0.44 56.18 -39.33
CA ILE A 60 0.98 56.47 -39.48
C ILE A 60 1.35 56.78 -40.92
N ILE A 61 0.41 56.66 -41.87
CA ILE A 61 0.80 56.73 -43.28
C ILE A 61 1.26 58.13 -43.67
N GLN A 62 0.69 59.18 -43.07
CA GLN A 62 1.18 60.52 -43.37
C GLN A 62 2.62 60.73 -42.93
N PRO A 63 3.01 60.41 -41.69
CA PRO A 63 4.45 60.44 -41.36
C PRO A 63 5.28 59.50 -42.20
N LEU A 64 4.72 58.35 -42.59
CA LEU A 64 5.50 57.38 -43.37
C LEU A 64 5.85 57.96 -44.73
N GLU A 65 4.86 58.53 -45.42
CA GLU A 65 5.10 59.18 -46.70
C GLU A 65 5.86 60.49 -46.56
N SER A 66 5.90 61.07 -45.35
CA SER A 66 6.66 62.30 -45.16
C SER A 66 8.14 62.10 -45.50
N LEU A 67 8.72 61.00 -45.05
CA LEU A 67 10.11 60.67 -45.37
C LEU A 67 10.14 59.70 -46.53
N LYS A 68 10.98 60.00 -47.52
CA LYS A 68 11.04 59.24 -48.76
C LYS A 68 12.20 58.25 -48.80
N SER A 69 12.89 58.04 -47.68
CA SER A 69 14.04 57.15 -47.63
C SER A 69 13.74 55.81 -46.99
N LEU A 70 12.48 55.52 -46.66
CA LEU A 70 12.14 54.28 -46.01
C LEU A 70 12.20 53.12 -46.99
N SER A 71 12.82 52.02 -46.57
CA SER A 71 12.96 50.84 -47.43
C SER A 71 12.68 49.53 -46.73
N GLU A 72 12.41 49.52 -45.43
CA GLU A 72 12.11 48.29 -44.69
C GLU A 72 11.00 48.57 -43.71
N LEU A 73 9.90 47.81 -43.80
CA LEU A 73 8.77 48.00 -42.89
C LEU A 73 8.37 46.69 -42.24
N SER A 74 8.28 46.71 -40.92
CA SER A 74 7.83 45.54 -40.15
C SER A 74 6.54 45.89 -39.43
N LEU A 75 5.42 45.37 -39.92
CA LEU A 75 4.12 45.50 -39.27
C LEU A 75 3.59 44.13 -38.88
N SER A 76 4.48 43.23 -38.49
CA SER A 76 4.11 41.86 -38.22
C SER A 76 3.28 41.76 -36.94
N SER A 77 2.30 40.85 -36.96
CA SER A 77 1.46 40.54 -35.80
C SER A 77 0.73 41.77 -35.27
N ASN A 78 0.43 42.73 -36.15
CA ASN A 78 -0.33 43.90 -35.76
C ASN A 78 -1.84 43.69 -35.84
N GLN A 79 -2.29 42.57 -36.43
CA GLN A 79 -3.70 42.25 -36.56
C GLN A 79 -4.46 43.36 -37.30
N ILE A 80 -3.98 43.69 -38.49
CA ILE A 80 -4.60 44.70 -39.34
C ILE A 80 -5.52 44.01 -40.33
N THR A 81 -6.56 44.74 -40.76
CA THR A 81 -7.52 44.22 -41.73
C THR A 81 -7.46 44.90 -43.08
N ASP A 82 -7.13 46.19 -43.14
CA ASP A 82 -7.01 46.92 -44.39
C ASP A 82 -5.57 47.40 -44.55
N ILE A 83 -5.00 47.17 -45.73
CA ILE A 83 -3.65 47.62 -46.05
C ILE A 83 -3.68 48.66 -47.17
N SER A 84 -4.83 49.28 -47.39
CA SER A 84 -4.94 50.34 -48.40
C SER A 84 -3.93 51.47 -48.22
N PRO A 85 -3.59 51.93 -47.02
CA PRO A 85 -2.55 52.96 -46.90
C PRO A 85 -1.19 52.55 -47.45
N LEU A 86 -0.90 51.24 -47.55
CA LEU A 86 0.40 50.77 -48.02
C LEU A 86 0.50 50.87 -49.55
N ALA A 87 0.33 52.08 -50.05
CA ALA A 87 0.34 52.28 -51.50
C ALA A 87 1.34 53.33 -51.96
N SER A 88 1.49 54.42 -51.21
CA SER A 88 2.35 55.52 -51.61
C SER A 88 3.80 55.36 -51.14
N LEU A 89 4.10 54.33 -50.36
CA LEU A 89 5.46 54.13 -49.84
C LEU A 89 6.30 53.32 -50.81
N ASN A 90 6.39 53.82 -52.04
CA ASN A 90 6.99 53.08 -53.14
C ASN A 90 8.49 52.85 -53.00
N SER A 91 9.11 53.23 -51.88
CA SER A 91 10.54 53.09 -51.70
C SER A 91 10.91 51.88 -50.86
N LEU A 92 9.98 50.97 -50.61
CA LEU A 92 10.23 49.85 -49.73
C LEU A 92 11.06 48.78 -50.43
N SER A 93 11.67 47.91 -49.64
CA SER A 93 12.35 46.72 -50.12
C SER A 93 11.93 45.45 -49.39
N MET A 94 11.67 45.53 -48.10
CA MET A 94 11.25 44.39 -47.30
C MET A 94 9.99 44.75 -46.52
N LEU A 95 9.05 43.79 -46.47
CA LEU A 95 7.76 44.02 -45.83
C LEU A 95 7.37 42.80 -45.02
N TRP A 96 7.14 43.01 -43.73
CA TRP A 96 6.66 41.96 -42.83
C TRP A 96 5.20 42.23 -42.50
N LEU A 97 4.34 41.27 -42.81
CA LEU A 97 2.91 41.38 -42.55
C LEU A 97 2.36 40.08 -41.99
N ASP A 98 3.11 39.43 -41.11
CA ASP A 98 2.68 38.16 -40.54
C ASP A 98 1.54 38.36 -39.56
N ARG A 99 0.67 37.35 -39.47
CA ARG A 99 -0.29 37.20 -38.40
C ARG A 99 -1.18 38.44 -38.25
N ASN A 100 -1.89 38.76 -39.33
CA ASN A 100 -2.89 39.80 -39.35
C ASN A 100 -4.14 39.27 -40.04
N GLN A 101 -5.25 39.98 -39.89
CA GLN A 101 -6.49 39.60 -40.54
C GLN A 101 -6.66 40.29 -41.89
N ILE A 102 -5.64 40.16 -42.74
CA ILE A 102 -5.65 40.78 -44.05
C ILE A 102 -6.29 39.84 -45.05
N THR A 103 -7.22 40.35 -45.84
CA THR A 103 -7.94 39.56 -46.84
C THR A 103 -7.64 40.01 -48.26
N ASP A 104 -7.46 41.30 -48.49
CA ASP A 104 -7.21 41.84 -49.82
C ASP A 104 -5.82 42.46 -49.85
N ILE A 105 -5.04 42.11 -50.87
CA ILE A 105 -3.70 42.65 -51.06
C ILE A 105 -3.63 43.56 -52.29
N ALA A 106 -4.79 44.03 -52.76
CA ALA A 106 -4.83 44.92 -53.91
C ALA A 106 -3.95 46.15 -53.78
N PRO A 107 -3.87 46.84 -52.62
CA PRO A 107 -2.95 47.97 -52.53
C PRO A 107 -1.49 47.61 -52.79
N LEU A 108 -1.10 46.36 -52.55
CA LEU A 108 0.29 45.94 -52.80
C LEU A 108 0.48 45.74 -54.30
N ALA A 109 0.36 46.85 -55.04
CA ALA A 109 0.53 46.80 -56.49
C ALA A 109 1.53 47.85 -56.96
N SER A 110 1.55 49.01 -56.30
CA SER A 110 2.42 50.11 -56.73
C SER A 110 3.83 49.99 -56.18
N LEU A 111 4.08 49.06 -55.26
CA LEU A 111 5.41 48.87 -54.68
C LEU A 111 6.29 48.17 -55.71
N ASN A 112 6.81 48.95 -56.65
CA ASN A 112 7.58 48.39 -57.75
C ASN A 112 8.80 47.63 -57.23
N SER A 113 9.39 48.08 -56.14
CA SER A 113 10.57 47.45 -55.55
C SER A 113 10.16 46.74 -54.27
N LEU A 114 10.35 45.42 -54.24
CA LEU A 114 10.18 44.62 -53.02
C LEU A 114 10.95 43.33 -53.19
N SER A 115 11.85 43.03 -52.26
CA SER A 115 12.68 41.85 -52.32
C SER A 115 12.29 40.78 -51.32
N MET A 116 11.47 41.11 -50.32
CA MET A 116 11.12 40.15 -49.27
C MET A 116 9.72 40.46 -48.78
N LEU A 117 8.83 39.46 -48.82
CA LEU A 117 7.45 39.65 -48.40
C LEU A 117 7.02 38.50 -47.48
N TRP A 118 6.58 38.85 -46.28
CA TRP A 118 6.15 37.87 -45.28
C TRP A 118 4.68 38.08 -44.97
N LEU A 119 3.85 37.07 -45.27
CA LEU A 119 2.40 37.25 -45.19
C LEU A 119 1.64 36.04 -44.65
N PHE A 120 2.29 35.13 -43.91
CA PHE A 120 1.69 33.81 -43.72
C PHE A 120 0.46 33.86 -42.83
N GLY A 121 0.53 34.54 -41.70
CA GLY A 121 -0.53 34.44 -40.72
C GLY A 121 -1.83 35.16 -41.09
N ASN A 122 -2.04 35.38 -42.38
CA ASN A 122 -3.13 36.23 -42.86
C ASN A 122 -4.31 35.40 -43.34
N LYS A 123 -5.28 36.09 -43.95
CA LYS A 123 -6.50 35.47 -44.48
C LYS A 123 -6.61 35.70 -45.98
N ILE A 124 -5.47 35.84 -46.67
CA ILE A 124 -5.47 36.15 -48.08
C ILE A 124 -6.09 34.99 -48.88
N SER A 125 -6.71 35.35 -50.00
CA SER A 125 -7.27 34.35 -50.91
C SER A 125 -6.97 34.62 -52.38
N ASP A 126 -6.50 35.82 -52.75
CA ASP A 126 -6.21 36.17 -54.13
C ASP A 126 -4.85 36.85 -54.18
N ILE A 127 -3.93 36.26 -54.93
CA ILE A 127 -2.56 36.76 -55.03
C ILE A 127 -2.27 37.38 -56.40
N ALA A 128 -3.33 37.77 -57.12
CA ALA A 128 -3.13 38.52 -58.36
C ALA A 128 -2.42 39.85 -58.15
N PRO A 129 -2.77 40.68 -57.14
CA PRO A 129 -2.17 42.03 -57.08
C PRO A 129 -0.66 42.04 -57.06
N LEU A 130 -0.02 41.07 -56.42
CA LEU A 130 1.44 40.98 -56.47
C LEU A 130 1.92 40.25 -57.72
N GLU A 131 1.39 40.66 -58.87
CA GLU A 131 1.89 40.19 -60.15
C GLU A 131 2.97 41.11 -60.73
N SER A 132 2.97 42.38 -60.35
CA SER A 132 3.96 43.34 -60.83
C SER A 132 5.17 43.45 -59.91
N LEU A 133 5.20 42.73 -58.79
CA LEU A 133 6.37 42.73 -57.92
C LEU A 133 7.47 41.90 -58.58
N LYS A 134 8.36 42.57 -59.31
CA LYS A 134 9.31 41.86 -60.17
C LYS A 134 10.42 41.23 -59.36
N SER A 135 11.16 42.04 -58.59
CA SER A 135 12.41 41.60 -57.98
C SER A 135 12.18 41.09 -56.55
N LEU A 136 11.32 40.09 -56.44
CA LEU A 136 11.09 39.41 -55.17
C LEU A 136 12.05 38.23 -55.03
N THR A 137 12.54 38.04 -53.80
CA THR A 137 13.45 36.93 -53.52
C THR A 137 12.98 36.03 -52.39
N GLU A 138 11.98 36.45 -51.61
CA GLU A 138 11.47 35.66 -50.49
C GLU A 138 9.97 35.86 -50.38
N LEU A 139 9.22 34.77 -50.38
CA LEU A 139 7.77 34.85 -50.23
C LEU A 139 7.30 33.85 -49.18
N GLN A 140 6.67 34.36 -48.12
CA GLN A 140 6.03 33.53 -47.11
C GLN A 140 4.52 33.69 -47.25
N LEU A 141 3.84 32.59 -47.60
CA LEU A 141 2.40 32.61 -47.82
C LEU A 141 1.72 31.39 -47.21
N SER A 142 2.26 30.86 -46.13
CA SER A 142 1.71 29.66 -45.51
C SER A 142 0.43 29.98 -44.74
N SER A 143 -0.34 28.95 -44.46
CA SER A 143 -1.54 29.03 -43.64
C SER A 143 -2.49 30.13 -44.12
N ASN A 144 -2.92 30.00 -45.36
CA ASN A 144 -3.88 30.94 -45.93
C ASN A 144 -5.08 30.19 -46.50
N GLN A 145 -5.97 30.91 -47.17
CA GLN A 145 -7.13 30.31 -47.81
C GLN A 145 -7.02 30.29 -49.33
N ILE A 146 -5.79 30.42 -49.86
CA ILE A 146 -5.59 30.42 -51.30
C ILE A 146 -5.92 29.05 -51.87
N THR A 147 -6.31 29.02 -53.14
CA THR A 147 -6.59 27.78 -53.85
C THR A 147 -5.88 27.64 -55.18
N ASP A 148 -5.38 28.72 -55.77
CA ASP A 148 -4.68 28.66 -57.05
C ASP A 148 -3.46 29.56 -56.98
N ILE A 149 -2.39 29.16 -57.66
CA ILE A 149 -1.23 30.02 -57.81
C ILE A 149 -0.84 30.20 -59.28
N ALA A 150 -1.51 31.13 -59.95
CA ALA A 150 -1.10 31.63 -61.25
C ALA A 150 -0.10 32.77 -61.16
N PRO A 151 -0.37 33.83 -60.36
CA PRO A 151 0.43 35.06 -60.48
C PRO A 151 1.89 34.91 -60.13
N LEU A 152 2.25 33.89 -59.35
CA LEU A 152 3.66 33.69 -59.03
C LEU A 152 4.47 33.21 -60.22
N ALA A 153 3.81 32.79 -61.30
CA ALA A 153 4.54 32.34 -62.48
C ALA A 153 5.39 33.46 -63.06
N SER A 154 4.84 34.67 -63.14
CA SER A 154 5.60 35.82 -63.62
C SER A 154 6.69 36.23 -62.64
N LEU A 155 6.64 35.77 -61.40
CA LEU A 155 7.61 36.14 -60.37
C LEU A 155 8.84 35.25 -60.51
N LYS A 156 9.93 35.82 -61.01
CA LYS A 156 11.19 35.10 -61.11
C LYS A 156 12.04 35.44 -59.90
N SER A 157 13.28 34.95 -59.89
CA SER A 157 14.28 35.31 -58.89
C SER A 157 13.84 34.98 -57.47
N LEU A 158 12.93 34.04 -57.30
CA LEU A 158 12.50 33.62 -55.98
C LEU A 158 13.40 32.48 -55.48
N THR A 159 13.90 32.63 -54.27
CA THR A 159 14.78 31.63 -53.66
C THR A 159 14.13 30.83 -52.55
N GLU A 160 13.29 31.46 -51.73
CA GLU A 160 12.58 30.78 -50.65
C GLU A 160 11.09 31.01 -50.83
N LEU A 161 10.33 29.91 -50.96
CA LEU A 161 8.89 30.00 -51.15
C LEU A 161 8.18 29.10 -50.16
N SER A 162 7.18 29.67 -49.47
CA SER A 162 6.36 28.90 -48.53
C SER A 162 4.90 29.09 -48.90
N LEU A 163 4.36 28.15 -49.68
CA LEU A 163 2.93 28.10 -50.00
C LEU A 163 2.41 26.78 -49.42
N SER A 164 2.05 26.79 -48.14
CA SER A 164 1.73 25.54 -47.45
C SER A 164 0.71 25.82 -46.35
N GLY A 165 -0.44 25.15 -46.45
CA GLY A 165 -1.52 25.39 -45.49
C GLY A 165 -2.71 25.98 -46.19
N ASN A 166 -2.83 25.72 -47.48
CA ASN A 166 -3.87 26.29 -48.32
C ASN A 166 -4.63 25.18 -49.03
N ASN A 167 -5.48 25.54 -49.99
CA ASN A 167 -6.26 24.59 -50.77
C ASN A 167 -5.68 24.42 -52.18
N ILE A 168 -4.35 24.45 -52.29
CA ILE A 168 -3.70 24.40 -53.59
C ILE A 168 -3.74 22.97 -54.13
N SER A 169 -4.18 22.82 -55.37
CA SER A 169 -4.18 21.53 -56.05
C SER A 169 -3.30 21.53 -57.29
N ASP A 170 -3.39 22.55 -58.12
CA ASP A 170 -2.45 22.72 -59.22
C ASP A 170 -1.20 23.48 -58.76
N ILE A 171 -0.06 23.04 -59.25
CA ILE A 171 1.22 23.62 -58.85
C ILE A 171 2.07 23.89 -60.09
N ALA A 172 1.49 23.64 -61.26
CA ALA A 172 2.22 23.75 -62.52
C ALA A 172 2.97 25.05 -62.71
N PRO A 173 2.42 26.23 -62.38
CA PRO A 173 3.18 27.47 -62.60
C PRO A 173 4.49 27.56 -61.82
N LEU A 174 4.67 26.78 -60.74
CA LEU A 174 5.96 26.75 -60.08
C LEU A 174 7.07 26.30 -61.01
N GLU A 175 6.74 25.54 -62.06
CA GLU A 175 7.73 25.19 -63.08
C GLU A 175 8.37 26.44 -63.67
N SER A 176 7.58 27.49 -63.91
CA SER A 176 8.15 28.72 -64.45
C SER A 176 9.16 29.33 -63.51
N LEU A 177 9.01 29.09 -62.21
CA LEU A 177 9.95 29.57 -61.20
C LEU A 177 11.09 28.56 -61.09
N LYS A 178 12.27 28.91 -61.61
CA LYS A 178 13.46 28.08 -61.42
C LYS A 178 14.59 28.95 -60.89
N SER A 179 14.50 29.29 -59.61
CA SER A 179 15.65 29.75 -58.84
C SER A 179 15.57 29.32 -57.39
N LEU A 180 14.57 28.53 -57.01
CA LEU A 180 14.22 28.34 -55.61
C LEU A 180 15.23 27.44 -54.90
N THR A 181 15.32 27.61 -53.59
CA THR A 181 16.17 26.82 -52.73
C THR A 181 15.39 26.03 -51.69
N GLU A 182 14.41 26.65 -51.03
CA GLU A 182 13.53 25.98 -50.09
C GLU A 182 12.10 26.09 -50.59
N LEU A 183 11.40 24.95 -50.63
CA LEU A 183 10.01 24.91 -51.04
C LEU A 183 9.16 24.24 -49.96
N SER A 184 8.23 25.01 -49.40
CA SER A 184 7.25 24.50 -48.45
C SER A 184 5.93 24.32 -49.18
N LEU A 185 5.49 23.08 -49.33
CA LEU A 185 4.27 22.73 -50.06
C LEU A 185 3.60 21.61 -49.28
N SER A 186 2.75 21.96 -48.33
CA SER A 186 2.26 20.99 -47.36
C SER A 186 0.92 21.45 -46.80
N SER A 187 0.21 20.51 -46.18
CA SER A 187 -1.13 20.75 -45.64
C SER A 187 -2.05 21.30 -46.73
N ASN A 188 -1.92 20.72 -47.93
CA ASN A 188 -2.70 21.13 -49.09
C ASN A 188 -3.40 19.91 -49.68
N GLN A 189 -3.97 20.05 -50.87
CA GLN A 189 -4.57 18.93 -51.59
C GLN A 189 -3.80 18.75 -52.89
N ILE A 190 -2.70 18.02 -52.83
CA ILE A 190 -1.82 17.80 -53.98
C ILE A 190 -1.75 16.32 -54.26
N THR A 191 -1.77 15.97 -55.55
CA THR A 191 -1.67 14.59 -55.99
C THR A 191 -0.52 14.33 -56.95
N ASP A 192 -0.17 15.31 -57.79
CA ASP A 192 0.88 15.14 -58.79
C ASP A 192 1.98 16.17 -58.56
N ILE A 193 3.21 15.69 -58.47
CA ILE A 193 4.37 16.54 -58.25
C ILE A 193 5.24 16.62 -59.50
N ALA A 194 4.68 16.25 -60.64
CA ALA A 194 5.41 16.28 -61.91
C ALA A 194 6.07 17.62 -62.20
N PRO A 195 5.45 18.78 -61.92
CA PRO A 195 6.17 20.05 -62.13
C PRO A 195 7.51 20.13 -61.41
N LEU A 196 7.64 19.53 -60.22
CA LEU A 196 8.87 19.67 -59.44
C LEU A 196 9.97 18.75 -59.96
N ALA A 197 10.27 18.91 -61.24
CA ALA A 197 11.32 18.14 -61.91
C ALA A 197 12.46 19.00 -62.40
N SER A 198 12.15 20.10 -63.09
CA SER A 198 13.20 20.96 -63.63
C SER A 198 13.93 21.75 -62.54
N LEU A 199 13.40 21.80 -61.32
CA LEU A 199 14.14 22.40 -60.22
C LEU A 199 15.38 21.59 -59.92
N LYS A 200 16.49 22.27 -59.68
CA LYS A 200 17.72 21.60 -59.27
C LYS A 200 18.45 22.29 -58.14
N SER A 201 18.14 23.54 -57.81
CA SER A 201 18.78 24.26 -56.72
C SER A 201 18.10 24.03 -55.38
N LEU A 202 17.03 23.25 -55.36
CA LEU A 202 16.27 23.06 -54.13
C LEU A 202 17.05 22.20 -53.15
N THR A 203 17.09 22.62 -51.89
CA THR A 203 17.75 21.86 -50.83
C THR A 203 16.78 21.31 -49.79
N GLU A 204 15.73 22.05 -49.46
CA GLU A 204 14.74 21.62 -48.49
C GLU A 204 13.37 21.54 -49.17
N LEU A 205 12.73 20.38 -49.05
CA LEU A 205 11.40 20.16 -49.61
C LEU A 205 10.48 19.64 -48.52
N SER A 206 9.38 20.35 -48.28
CA SER A 206 8.42 19.93 -47.26
C SER A 206 7.09 19.61 -47.95
N LEU A 207 6.97 18.39 -48.46
CA LEU A 207 5.71 17.90 -49.03
C LEU A 207 5.00 17.02 -48.00
N SER A 208 4.52 17.67 -46.95
CA SER A 208 3.79 16.99 -45.88
C SER A 208 2.36 16.71 -46.34
N SER A 209 1.46 16.46 -45.37
CA SER A 209 0.18 15.82 -45.58
C SER A 209 -0.48 16.20 -46.89
N ASN A 210 -0.72 15.19 -47.73
CA ASN A 210 -1.22 15.34 -49.09
C ASN A 210 -1.62 13.94 -49.57
N GLN A 211 -2.29 13.89 -50.71
CA GLN A 211 -2.60 12.61 -51.35
C GLN A 211 -1.59 12.32 -52.47
N ILE A 212 -0.34 12.11 -52.04
CA ILE A 212 0.74 11.74 -52.95
C ILE A 212 1.03 10.26 -52.80
N SER A 213 1.16 9.57 -53.93
CA SER A 213 1.47 8.15 -53.91
C SER A 213 2.46 7.72 -54.98
N ASP A 214 3.00 8.65 -55.77
CA ASP A 214 3.94 8.33 -56.85
C ASP A 214 4.97 9.44 -56.91
N ILE A 215 6.11 9.22 -56.23
CA ILE A 215 7.19 10.22 -56.20
C ILE A 215 8.06 9.92 -57.42
N ALA A 216 7.60 10.37 -58.58
CA ALA A 216 8.30 10.10 -59.83
C ALA A 216 9.44 11.07 -60.12
N PRO A 217 9.26 12.40 -60.02
CA PRO A 217 10.29 13.31 -60.49
C PRO A 217 11.38 13.67 -59.47
N LEU A 218 11.24 13.24 -58.21
CA LEU A 218 12.21 13.66 -57.19
C LEU A 218 13.60 13.09 -57.47
N GLU A 219 13.69 12.00 -58.24
CA GLU A 219 14.99 11.51 -58.68
C GLU A 219 15.80 12.60 -59.35
N SER A 220 15.13 13.51 -60.07
CA SER A 220 15.84 14.58 -60.75
C SER A 220 16.57 15.48 -59.77
N LEU A 221 15.96 15.73 -58.61
CA LEU A 221 16.62 16.55 -57.60
C LEU A 221 17.82 15.80 -57.03
N LYS A 222 18.87 16.55 -56.73
CA LYS A 222 20.09 15.94 -56.20
C LYS A 222 20.73 16.67 -55.03
N SER A 223 20.39 17.93 -54.77
CA SER A 223 21.01 18.71 -53.71
C SER A 223 20.17 18.77 -52.45
N LEU A 224 19.09 18.00 -52.38
CA LEU A 224 18.22 18.05 -51.22
C LEU A 224 18.92 17.52 -49.99
N THR A 225 18.71 18.21 -48.86
CA THR A 225 19.20 17.75 -47.56
C THR A 225 18.09 17.44 -46.57
N GLU A 226 16.90 18.01 -46.75
CA GLU A 226 15.76 17.74 -45.88
C GLU A 226 14.55 17.39 -46.75
N LEU A 227 13.97 16.22 -46.51
CA LEU A 227 12.80 15.75 -47.25
C LEU A 227 11.73 15.32 -46.27
N GLN A 228 10.67 16.13 -46.15
CA GLN A 228 9.57 15.82 -45.25
C GLN A 228 8.39 15.31 -46.07
N LEU A 229 8.09 14.01 -45.92
CA LEU A 229 7.00 13.35 -46.66
C LEU A 229 6.27 12.44 -45.67
N SER A 230 5.23 12.97 -45.04
CA SER A 230 4.54 12.25 -43.99
C SER A 230 3.03 12.45 -44.13
N ARG A 231 2.29 11.52 -43.53
CA ARG A 231 0.83 11.47 -43.61
C ARG A 231 0.37 11.53 -45.07
N ASN A 232 0.80 10.53 -45.83
CA ASN A 232 0.52 10.42 -47.25
C ASN A 232 0.09 8.99 -47.56
N GLN A 233 0.03 8.63 -48.83
CA GLN A 233 -0.37 7.30 -49.25
C GLN A 233 0.68 6.66 -50.13
N ILE A 234 1.96 6.88 -49.82
CA ILE A 234 3.05 6.36 -50.62
C ILE A 234 3.33 4.92 -50.20
N SER A 235 3.85 4.13 -51.15
CA SER A 235 4.18 2.74 -50.88
C SER A 235 5.55 2.30 -51.36
N ASP A 236 6.15 2.98 -52.33
CA ASP A 236 7.44 2.58 -52.90
C ASP A 236 8.45 3.70 -52.72
N ILE A 237 9.58 3.37 -52.12
CA ILE A 237 10.65 4.34 -51.86
C ILE A 237 11.90 4.04 -52.66
N ALA A 238 11.82 3.13 -53.62
CA ALA A 238 12.94 2.89 -54.53
C ALA A 238 13.43 4.15 -55.22
N PRO A 239 12.57 5.11 -55.62
CA PRO A 239 13.10 6.38 -56.16
C PRO A 239 14.09 7.08 -55.25
N LEU A 240 13.96 6.94 -53.93
CA LEU A 240 14.90 7.60 -53.03
C LEU A 240 16.22 6.87 -52.92
N GLU A 241 16.36 5.69 -53.54
CA GLU A 241 17.59 4.91 -53.40
C GLU A 241 18.78 5.63 -54.04
N SER A 242 18.55 6.28 -55.18
CA SER A 242 19.66 6.92 -55.89
C SER A 242 20.27 8.05 -55.08
N LEU A 243 19.44 8.85 -54.42
CA LEU A 243 19.92 10.05 -53.73
C LEU A 243 20.55 9.67 -52.40
N LYS A 244 21.82 10.03 -52.22
CA LYS A 244 22.46 9.97 -50.90
C LYS A 244 23.11 11.32 -50.64
N SER A 245 22.29 12.29 -50.25
CA SER A 245 22.78 13.53 -49.67
C SER A 245 21.87 14.07 -48.58
N LEU A 246 20.80 13.36 -48.23
CA LEU A 246 19.79 13.88 -47.33
C LEU A 246 20.23 13.66 -45.89
N THR A 247 20.38 14.75 -45.15
CA THR A 247 20.65 14.63 -43.72
C THR A 247 19.43 14.12 -42.98
N GLU A 248 18.24 14.55 -43.38
CA GLU A 248 17.00 14.11 -42.76
C GLU A 248 15.97 13.78 -43.84
N LEU A 249 15.41 12.57 -43.74
CA LEU A 249 14.30 12.14 -44.59
C LEU A 249 13.27 11.52 -43.66
N GLN A 250 12.11 12.17 -43.54
CA GLN A 250 11.05 11.68 -42.67
C GLN A 250 9.99 10.96 -43.49
N LEU A 251 9.74 9.69 -43.14
CA LEU A 251 8.66 8.90 -43.74
C LEU A 251 7.84 8.37 -42.59
N SER A 252 6.93 9.19 -42.10
CA SER A 252 5.97 8.84 -41.06
C SER A 252 4.77 8.19 -41.75
N SER A 253 3.61 8.17 -41.08
CA SER A 253 2.45 7.36 -41.43
C SER A 253 2.26 7.23 -42.93
N ASN A 254 2.26 5.99 -43.40
CA ASN A 254 2.20 5.63 -44.81
C ASN A 254 1.89 4.13 -44.87
N GLN A 255 2.00 3.55 -46.05
CA GLN A 255 1.84 2.11 -46.24
C GLN A 255 3.05 1.60 -47.03
N ILE A 256 4.13 1.29 -46.35
CA ILE A 256 5.36 0.80 -46.96
C ILE A 256 5.72 -0.53 -46.34
N THR A 257 6.27 -1.44 -47.16
CA THR A 257 6.67 -2.76 -46.70
C THR A 257 8.15 -3.06 -46.88
N ASP A 258 8.87 -2.30 -47.71
CA ASP A 258 10.27 -2.56 -48.00
C ASP A 258 11.08 -1.30 -47.73
N ILE A 259 12.25 -1.48 -47.12
CA ILE A 259 13.11 -0.34 -46.77
C ILE A 259 14.52 -0.56 -47.30
N ALA A 260 14.70 -1.59 -48.11
CA ALA A 260 15.99 -1.83 -48.75
C ALA A 260 16.52 -0.63 -49.53
N PRO A 261 15.73 0.14 -50.28
CA PRO A 261 16.28 1.33 -50.94
C PRO A 261 16.87 2.34 -49.97
N LEU A 262 16.42 2.34 -48.71
CA LEU A 262 17.01 3.26 -47.74
C LEU A 262 18.42 2.84 -47.37
N ALA A 263 18.75 1.55 -47.51
CA ALA A 263 20.07 1.05 -47.14
C ALA A 263 21.17 1.62 -48.01
N SER A 264 20.83 2.24 -49.14
CA SER A 264 21.81 2.90 -49.98
C SER A 264 22.26 4.25 -49.42
N LEU A 265 21.64 4.73 -48.35
CA LEU A 265 22.01 6.01 -47.76
C LEU A 265 22.96 5.77 -46.59
N LYS A 266 23.91 6.69 -46.40
CA LYS A 266 24.93 6.55 -45.37
C LYS A 266 25.14 7.79 -44.52
N SER A 267 24.78 8.98 -44.99
CA SER A 267 24.97 10.21 -44.23
C SER A 267 23.70 10.64 -43.53
N LEU A 268 22.66 9.81 -43.52
CA LEU A 268 21.40 10.17 -42.89
C LEU A 268 21.55 10.16 -41.38
N THR A 269 20.92 11.14 -40.72
CA THR A 269 21.09 11.35 -39.30
C THR A 269 19.86 10.96 -38.48
N GLU A 270 18.69 11.53 -38.80
CA GLU A 270 17.47 11.27 -38.05
C GLU A 270 16.44 10.63 -38.98
N LEU A 271 15.88 9.51 -38.54
CA LEU A 271 14.96 8.71 -39.36
C LEU A 271 13.71 8.38 -38.54
N GLN A 272 12.59 9.00 -38.91
CA GLN A 272 11.29 8.64 -38.37
C GLN A 272 10.61 7.71 -39.37
N LEU A 273 10.40 6.47 -38.96
CA LEU A 273 9.77 5.44 -39.80
C LEU A 273 8.65 4.82 -38.97
N SER A 274 7.49 5.46 -38.97
CA SER A 274 6.42 5.12 -38.03
C SER A 274 5.16 4.68 -38.77
N ARG A 275 4.43 3.76 -38.15
CA ARG A 275 3.10 3.35 -38.56
C ARG A 275 3.07 2.90 -40.02
N ASN A 276 3.78 1.79 -40.26
CA ASN A 276 3.85 1.21 -41.59
C ASN A 276 3.67 -0.30 -41.53
N GLN A 277 3.93 -0.99 -42.65
CA GLN A 277 3.86 -2.44 -42.72
C GLN A 277 5.22 -3.04 -43.03
N ILE A 278 6.29 -2.35 -42.61
CA ILE A 278 7.65 -2.83 -42.86
C ILE A 278 7.91 -4.07 -42.02
N SER A 279 8.47 -5.10 -42.65
CA SER A 279 8.63 -6.40 -42.01
C SER A 279 10.00 -6.59 -41.38
N ASP A 280 11.07 -6.31 -42.12
CA ASP A 280 12.43 -6.47 -41.63
C ASP A 280 13.19 -5.16 -41.72
N ILE A 281 14.02 -4.89 -40.71
CA ILE A 281 14.80 -3.66 -40.66
C ILE A 281 16.28 -3.93 -40.91
N ALA A 282 16.60 -5.10 -41.48
CA ALA A 282 17.99 -5.40 -41.82
C ALA A 282 18.65 -4.33 -42.69
N PRO A 283 18.00 -3.73 -43.70
CA PRO A 283 18.64 -2.65 -44.46
C PRO A 283 19.16 -1.51 -43.59
N LEU A 284 18.59 -1.33 -42.40
CA LEU A 284 19.18 -0.39 -41.45
C LEU A 284 20.32 -1.05 -40.69
N GLU A 285 21.25 -1.68 -41.41
CA GLU A 285 22.42 -2.28 -40.81
C GLU A 285 23.72 -1.61 -41.21
N SER A 286 23.67 -0.63 -42.11
CA SER A 286 24.87 0.06 -42.58
C SER A 286 24.83 1.56 -42.29
N LEU A 287 23.78 2.06 -41.64
CA LEU A 287 23.65 3.48 -41.34
C LEU A 287 24.18 3.73 -39.93
N ASN A 288 25.51 3.75 -39.83
CA ASN A 288 26.16 3.87 -38.53
C ASN A 288 26.09 5.26 -37.93
N SER A 289 25.63 6.26 -38.69
CA SER A 289 25.59 7.63 -38.21
C SER A 289 24.21 8.03 -37.70
N LEU A 290 23.26 7.10 -37.63
CA LEU A 290 21.92 7.42 -37.17
C LEU A 290 21.95 7.83 -35.71
N SER A 291 21.40 9.01 -35.42
CA SER A 291 21.28 9.48 -34.04
C SER A 291 19.88 9.29 -33.47
N LYS A 292 18.85 9.38 -34.31
CA LYS A 292 17.47 9.20 -33.89
C LYS A 292 16.78 8.22 -34.82
N LEU A 293 16.11 7.22 -34.26
CA LEU A 293 15.36 6.24 -35.02
C LEU A 293 13.99 6.06 -34.38
N TRP A 294 12.94 6.25 -35.18
CA TRP A 294 11.56 6.09 -34.73
C TRP A 294 10.92 5.01 -35.56
N LEU A 295 10.71 3.82 -34.97
CA LEU A 295 10.21 2.66 -35.69
C LEU A 295 8.93 2.10 -35.07
N ASN A 296 8.19 2.91 -34.31
CA ASN A 296 7.07 2.38 -33.55
C ASN A 296 5.90 2.00 -34.45
N GLY A 297 5.02 1.16 -33.90
CA GLY A 297 3.78 0.80 -34.58
C GLY A 297 3.94 0.07 -35.90
N ASN A 298 4.79 -0.94 -35.93
CA ASN A 298 5.02 -1.70 -37.15
C ASN A 298 5.01 -3.19 -36.84
N GLN A 299 4.97 -4.01 -37.89
CA GLN A 299 5.03 -5.46 -37.76
C GLN A 299 6.45 -5.92 -38.07
N ILE A 300 7.31 -5.80 -37.07
CA ILE A 300 8.70 -6.22 -37.15
C ILE A 300 8.96 -7.18 -36.01
N THR A 301 9.88 -8.12 -36.23
CA THR A 301 10.10 -9.21 -35.29
C THR A 301 11.47 -9.17 -34.63
N ASP A 302 12.55 -9.04 -35.40
CA ASP A 302 13.90 -9.19 -34.89
C ASP A 302 14.61 -7.85 -34.85
N ILE A 303 15.27 -7.56 -33.73
CA ILE A 303 16.05 -6.35 -33.56
C ILE A 303 17.54 -6.58 -33.75
N ALA A 304 17.95 -7.83 -34.01
CA ALA A 304 19.38 -8.14 -34.15
C ALA A 304 20.09 -7.31 -35.22
N PRO A 305 19.53 -7.07 -36.41
CA PRO A 305 20.25 -6.24 -37.39
C PRO A 305 20.49 -4.81 -36.90
N LEU A 306 19.80 -4.37 -35.86
CA LEU A 306 20.02 -3.04 -35.32
C LEU A 306 21.16 -3.02 -34.29
N ALA A 307 21.92 -4.11 -34.18
CA ALA A 307 23.03 -4.22 -33.25
C ALA A 307 24.33 -3.67 -33.81
N SER A 308 24.26 -2.79 -34.81
CA SER A 308 25.46 -2.24 -35.43
C SER A 308 25.32 -0.75 -35.70
N LEU A 309 24.57 -0.04 -34.86
CA LEU A 309 24.31 1.40 -35.02
C LEU A 309 24.62 2.13 -33.72
N ASN A 310 25.82 1.89 -33.18
CA ASN A 310 26.19 2.36 -31.84
C ASN A 310 26.10 3.88 -31.68
N SER A 311 25.84 4.62 -32.74
CA SER A 311 25.69 6.07 -32.65
C SER A 311 24.26 6.49 -32.32
N LEU A 312 23.34 5.54 -32.17
CA LEU A 312 21.96 5.88 -31.87
C LEU A 312 21.85 6.54 -30.50
N THR A 313 20.87 7.44 -30.37
CA THR A 313 20.65 8.12 -29.11
C THR A 313 19.18 8.08 -28.72
N GLU A 314 18.30 7.95 -29.70
CA GLU A 314 16.86 7.86 -29.48
C GLU A 314 16.33 6.69 -30.28
N LEU A 315 15.57 5.81 -29.62
CA LEU A 315 15.03 4.62 -30.27
C LEU A 315 13.57 4.44 -29.88
N GLU A 316 12.68 4.52 -30.86
CA GLU A 316 11.25 4.28 -30.66
C GLU A 316 10.88 2.99 -31.38
N LEU A 317 10.61 1.94 -30.61
CA LEU A 317 10.28 0.62 -31.15
C LEU A 317 8.92 0.13 -30.64
N SER A 318 8.08 1.02 -30.12
CA SER A 318 6.86 0.62 -29.46
C SER A 318 5.88 -0.03 -30.43
N SER A 319 4.96 -0.81 -29.86
CA SER A 319 3.87 -1.44 -30.60
C SER A 319 4.39 -2.26 -31.78
N ASN A 320 5.37 -3.11 -31.50
CA ASN A 320 5.94 -4.00 -32.50
C ASN A 320 6.02 -5.41 -31.93
N GLN A 321 6.26 -6.36 -32.83
CA GLN A 321 6.27 -7.78 -32.45
C GLN A 321 7.70 -8.25 -32.18
N ILE A 322 8.31 -7.63 -31.18
CA ILE A 322 9.66 -8.01 -30.72
C ILE A 322 9.53 -8.65 -29.36
N THR A 323 10.20 -9.79 -29.18
CA THR A 323 10.19 -10.54 -27.92
C THR A 323 11.54 -10.57 -27.23
N ASP A 324 12.63 -10.74 -27.98
CA ASP A 324 13.98 -10.82 -27.40
C ASP A 324 14.66 -9.46 -27.56
N ILE A 325 15.11 -8.90 -26.44
CA ILE A 325 15.76 -7.59 -26.42
C ILE A 325 17.29 -7.71 -26.41
N ALA A 326 17.83 -8.92 -26.34
CA ALA A 326 19.26 -9.12 -26.15
C ALA A 326 20.13 -8.37 -27.17
N PRO A 327 19.88 -8.45 -28.49
CA PRO A 327 20.73 -7.70 -29.42
C PRO A 327 20.39 -6.22 -29.40
N LEU A 328 20.19 -5.70 -28.20
CA LEU A 328 20.16 -4.27 -27.96
C LEU A 328 21.17 -3.87 -26.89
N ALA A 329 21.92 -4.83 -26.35
CA ALA A 329 22.91 -4.51 -25.32
C ALA A 329 24.17 -3.88 -25.89
N SER A 330 24.42 -4.01 -27.20
CA SER A 330 25.61 -3.43 -27.79
C SER A 330 25.58 -1.90 -27.74
N LEU A 331 24.43 -1.31 -28.02
CA LEU A 331 24.31 0.15 -27.98
C LEU A 331 24.53 0.65 -26.56
N LYS A 332 25.32 1.73 -26.44
CA LYS A 332 25.64 2.31 -25.15
C LYS A 332 25.20 3.76 -25.01
N SER A 333 25.24 4.54 -26.09
CA SER A 333 24.88 5.95 -26.02
C SER A 333 23.40 6.17 -26.32
N LEU A 334 22.53 5.42 -25.66
CA LEU A 334 21.09 5.54 -25.84
C LEU A 334 20.49 6.32 -24.68
N SER A 335 19.54 7.18 -24.99
CA SER A 335 18.91 8.03 -23.99
C SER A 335 17.41 7.81 -23.86
N THR A 336 16.71 7.51 -24.94
CA THR A 336 15.29 7.21 -24.91
C THR A 336 15.03 5.87 -25.58
N LEU A 337 14.16 5.07 -24.98
CA LEU A 337 13.87 3.71 -25.47
C LEU A 337 12.39 3.44 -25.27
N TRP A 338 11.61 3.57 -26.33
CA TRP A 338 10.18 3.28 -26.30
C TRP A 338 9.96 2.01 -27.11
N LEU A 339 9.70 0.90 -26.41
CA LEU A 339 9.37 -0.38 -27.05
C LEU A 339 8.21 -1.03 -26.33
N SER A 340 7.25 -0.23 -25.88
CA SER A 340 6.07 -0.74 -25.20
C SER A 340 5.11 -1.38 -26.20
N SER A 341 4.08 -2.04 -25.67
CA SER A 341 3.10 -2.77 -26.47
C SER A 341 3.78 -3.83 -27.35
N ASN A 342 4.71 -4.57 -26.76
CA ASN A 342 5.43 -5.65 -27.43
C ASN A 342 5.25 -6.92 -26.60
N GLN A 343 5.99 -7.98 -26.97
CA GLN A 343 5.97 -9.22 -26.21
C GLN A 343 7.31 -9.56 -25.57
N ILE A 344 7.97 -8.57 -24.97
CA ILE A 344 9.23 -8.83 -24.28
C ILE A 344 8.95 -9.50 -22.94
N SER A 345 9.88 -10.34 -22.49
CA SER A 345 9.69 -11.12 -21.27
C SER A 345 10.66 -10.72 -20.16
N ASP A 346 11.97 -10.74 -20.42
CA ASP A 346 12.97 -10.38 -19.44
C ASP A 346 13.74 -9.15 -19.91
N ILE A 347 14.20 -8.35 -18.96
CA ILE A 347 14.87 -7.10 -19.27
C ILE A 347 16.31 -7.13 -18.78
N ALA A 348 16.89 -8.34 -18.74
CA ALA A 348 18.31 -8.45 -18.39
C ALA A 348 19.22 -7.76 -19.38
N PRO A 349 19.16 -8.04 -20.72
CA PRO A 349 20.13 -7.45 -21.67
C PRO A 349 19.86 -5.97 -21.94
N LEU A 350 19.60 -5.23 -20.87
CA LEU A 350 19.55 -3.78 -20.90
C LEU A 350 20.33 -3.20 -19.73
N ALA A 351 20.83 -4.04 -18.82
CA ALA A 351 21.55 -3.55 -17.65
C ALA A 351 22.82 -2.80 -18.01
N SER A 352 23.31 -2.95 -19.24
CA SER A 352 24.50 -2.26 -19.70
C SER A 352 24.18 -0.94 -20.39
N LEU A 353 22.91 -0.54 -20.47
CA LEU A 353 22.52 0.72 -21.11
C LEU A 353 22.63 1.85 -20.10
N GLU A 354 23.88 2.18 -19.76
CA GLU A 354 24.16 3.11 -18.68
C GLU A 354 23.68 4.53 -18.96
N SER A 355 23.40 4.86 -20.21
CA SER A 355 23.06 6.23 -20.59
C SER A 355 21.56 6.46 -20.74
N LEU A 356 20.72 5.47 -20.45
CA LEU A 356 19.29 5.61 -20.68
C LEU A 356 18.70 6.67 -19.78
N SER A 357 17.68 7.37 -20.29
CA SER A 357 17.04 8.44 -19.54
C SER A 357 15.51 8.43 -19.64
N GLU A 358 14.93 7.51 -20.41
CA GLU A 358 13.48 7.42 -20.55
C GLU A 358 13.17 6.08 -21.17
N LEU A 359 12.25 5.33 -20.55
CA LEU A 359 11.91 3.99 -21.01
C LEU A 359 10.40 3.83 -21.10
N SER A 360 9.97 2.99 -22.03
CA SER A 360 8.57 2.61 -22.17
C SER A 360 8.52 1.10 -22.38
N LEU A 361 8.25 0.36 -21.30
CA LEU A 361 8.21 -1.09 -21.30
C LEU A 361 6.81 -1.63 -21.00
N SER A 362 5.77 -0.87 -21.35
CA SER A 362 4.42 -1.22 -20.94
C SER A 362 3.74 -2.14 -21.96
N SER A 363 2.64 -2.75 -21.51
CA SER A 363 1.80 -3.60 -22.36
C SER A 363 2.58 -4.77 -22.94
N ASN A 364 3.50 -5.33 -22.15
CA ASN A 364 4.24 -6.53 -22.51
C ASN A 364 3.96 -7.61 -21.48
N GLN A 365 4.49 -8.81 -21.74
CA GLN A 365 4.42 -9.92 -20.79
C GLN A 365 5.74 -10.00 -20.03
N ILE A 366 5.91 -9.09 -19.08
CA ILE A 366 7.11 -9.02 -18.25
C ILE A 366 6.73 -9.34 -16.82
N SER A 367 7.46 -10.26 -16.20
CA SER A 367 7.22 -10.66 -14.83
C SER A 367 8.27 -10.17 -13.85
N ASP A 368 9.55 -10.23 -14.24
CA ASP A 368 10.65 -9.83 -13.37
C ASP A 368 11.21 -8.49 -13.84
N ILE A 369 11.31 -7.54 -12.91
CA ILE A 369 11.84 -6.22 -13.21
C ILE A 369 13.27 -6.05 -12.69
N SER A 370 13.73 -6.94 -11.79
CA SER A 370 15.03 -6.84 -11.13
C SER A 370 16.21 -6.47 -12.02
N PRO A 371 16.37 -7.00 -13.24
CA PRO A 371 17.58 -6.67 -14.02
C PRO A 371 17.80 -5.19 -14.25
N LEU A 372 16.74 -4.41 -14.49
CA LEU A 372 16.89 -2.97 -14.69
C LEU A 372 17.17 -2.34 -13.32
N ALA A 373 18.41 -2.50 -12.86
CA ALA A 373 18.80 -2.05 -11.53
C ALA A 373 19.98 -1.10 -11.58
N SER A 374 20.95 -1.38 -12.45
CA SER A 374 22.14 -0.55 -12.56
C SER A 374 21.89 0.72 -13.37
N LEU A 375 20.76 0.81 -14.07
CA LEU A 375 20.47 1.96 -14.92
C LEU A 375 20.01 3.12 -14.05
N ASN A 376 20.98 3.70 -13.33
CA ASN A 376 20.70 4.81 -12.44
C ASN A 376 20.35 6.10 -13.17
N SER A 377 20.62 6.17 -14.47
CA SER A 377 20.41 7.40 -15.24
C SER A 377 18.99 7.55 -15.75
N LEU A 378 18.11 6.60 -15.45
CA LEU A 378 16.76 6.63 -15.99
C LEU A 378 15.96 7.78 -15.38
N THR A 379 15.47 8.67 -16.23
CA THR A 379 14.54 9.72 -15.83
C THR A 379 13.13 9.48 -16.34
N GLY A 380 12.87 8.30 -16.90
CA GLY A 380 11.53 7.90 -17.27
C GLY A 380 11.41 6.40 -17.40
N PHE A 381 10.43 5.79 -16.73
CA PHE A 381 10.26 4.35 -16.77
C PHE A 381 8.77 4.04 -16.65
N ASP A 382 8.25 3.27 -17.59
CA ASP A 382 6.80 3.08 -17.73
C ASP A 382 6.54 1.61 -18.04
N VAL A 383 5.98 0.89 -17.06
CA VAL A 383 5.78 -0.56 -17.13
C VAL A 383 4.32 -0.93 -16.96
N ARG A 384 3.42 -0.09 -17.47
CA ARG A 384 1.99 -0.33 -17.29
C ARG A 384 1.54 -1.59 -18.01
N ARG A 385 0.45 -2.17 -17.50
CA ARG A 385 -0.24 -3.29 -18.17
C ARG A 385 0.68 -4.49 -18.41
N ASN A 386 1.42 -4.89 -17.38
CA ASN A 386 2.32 -6.03 -17.46
C ASN A 386 2.03 -7.00 -16.32
N PRO A 387 2.31 -8.28 -16.50
CA PRO A 387 2.07 -9.24 -15.40
C PRO A 387 3.23 -9.30 -14.41
N ILE A 388 3.39 -8.23 -13.65
CA ILE A 388 4.43 -8.15 -12.64
C ILE A 388 3.89 -8.66 -11.31
N LYS A 389 4.64 -9.54 -10.66
CA LYS A 389 4.22 -10.16 -9.41
C LYS A 389 4.93 -9.59 -8.18
N ARG A 390 6.23 -9.37 -8.25
CA ARG A 390 7.01 -8.87 -7.13
C ARG A 390 7.80 -7.64 -7.55
N LEU A 391 7.85 -6.64 -6.66
CA LEU A 391 8.57 -5.42 -6.94
C LEU A 391 10.01 -5.53 -6.42
N PRO A 392 11.01 -5.33 -7.27
CA PRO A 392 12.39 -5.51 -6.81
C PRO A 392 12.88 -4.31 -6.00
N GLU A 393 13.92 -4.57 -5.19
CA GLU A 393 14.51 -3.54 -4.35
C GLU A 393 14.89 -2.31 -5.17
N THR A 394 15.60 -2.52 -6.27
CA THR A 394 16.09 -1.40 -7.07
C THR A 394 14.95 -0.59 -7.66
N ILE A 395 13.72 -1.12 -7.67
CA ILE A 395 12.59 -0.36 -8.17
C ILE A 395 12.36 0.89 -7.33
N THR A 396 12.75 0.85 -6.05
CA THR A 396 12.66 2.03 -5.19
C THR A 396 14.00 2.74 -5.04
N GLY A 397 15.01 2.33 -5.81
CA GLY A 397 16.31 2.97 -5.81
C GLY A 397 16.52 3.99 -6.91
N PHE A 398 15.46 4.37 -7.62
CA PHE A 398 15.54 5.31 -8.72
C PHE A 398 15.07 6.68 -8.27
N ASP A 399 15.67 7.72 -8.86
CA ASP A 399 15.33 9.11 -8.52
C ASP A 399 14.05 9.51 -9.25
N MET A 400 12.94 8.89 -8.82
CA MET A 400 11.65 9.13 -9.42
C MET A 400 10.59 9.01 -8.34
N GLU A 401 9.42 9.61 -8.60
CA GLU A 401 8.24 9.40 -7.81
C GLU A 401 7.30 8.44 -8.53
N ILE A 402 6.41 7.81 -7.77
CA ILE A 402 5.58 6.71 -8.27
C ILE A 402 4.16 7.20 -8.48
N LEU A 403 3.57 6.80 -9.61
CA LEU A 403 2.18 7.12 -9.94
C LEU A 403 1.48 5.86 -10.43
N TRP A 404 0.21 5.73 -10.06
CA TRP A 404 -0.64 4.64 -10.53
C TRP A 404 -1.52 5.08 -11.72
N ASN A 405 -1.26 6.26 -12.26
CA ASN A 405 -2.09 6.78 -13.34
C ASN A 405 -1.82 6.05 -14.65
N ASP A 406 -2.69 6.28 -15.62
CA ASP A 406 -2.58 5.71 -16.95
C ASP A 406 -1.72 6.55 -17.89
N PHE A 407 -1.14 7.63 -17.40
CA PHE A 407 -0.40 8.55 -18.25
C PHE A 407 1.09 8.23 -18.24
N SER A 408 1.72 8.33 -19.40
CA SER A 408 3.15 8.11 -19.56
C SER A 408 3.85 9.46 -19.40
N SER A 409 4.31 9.74 -18.20
CA SER A 409 4.94 11.02 -17.88
C SER A 409 6.42 10.82 -17.57
N SER A 410 7.24 11.76 -17.99
CA SER A 410 8.67 11.72 -17.70
C SER A 410 8.93 12.03 -16.24
N GLY A 411 10.04 11.50 -15.72
CA GLY A 411 10.34 11.65 -14.31
C GLY A 411 9.38 10.91 -13.40
N PHE A 412 8.95 9.72 -13.80
CA PHE A 412 7.91 9.02 -13.06
C PHE A 412 8.07 7.51 -13.23
N ILE A 413 7.78 6.78 -12.15
CA ILE A 413 7.67 5.33 -12.16
C ILE A 413 6.18 5.02 -12.20
N THR A 414 5.73 4.36 -13.28
CA THR A 414 4.32 4.21 -13.54
C THR A 414 3.92 2.74 -13.64
N PHE A 415 2.84 2.38 -12.96
CA PHE A 415 2.18 1.09 -13.11
C PHE A 415 0.69 1.29 -13.31
N PHE A 416 0.08 0.40 -14.09
CA PHE A 416 -1.37 0.33 -14.21
C PHE A 416 -1.77 -1.06 -14.68
N ASP A 417 -2.90 -1.55 -14.15
CA ASP A 417 -3.45 -2.84 -14.53
C ASP A 417 -2.43 -3.97 -14.32
N ASN A 418 -1.88 -4.02 -13.10
CA ASN A 418 -0.88 -5.01 -12.79
C ASN A 418 -1.34 -5.88 -11.62
N PRO A 419 -1.28 -7.20 -11.74
CA PRO A 419 -1.62 -8.08 -10.61
C PRO A 419 -0.58 -8.03 -9.50
N LEU A 420 -0.45 -6.87 -8.86
CA LEU A 420 0.51 -6.68 -7.77
C LEU A 420 0.01 -7.41 -6.54
N GLU A 421 0.62 -8.55 -6.21
CA GLU A 421 0.16 -9.38 -5.11
C GLU A 421 0.89 -9.06 -3.80
N SER A 422 2.21 -9.23 -3.78
CA SER A 422 2.96 -8.98 -2.55
C SER A 422 2.92 -7.51 -2.14
N PRO A 423 3.21 -6.55 -3.01
CA PRO A 423 2.94 -5.16 -2.67
C PRO A 423 1.51 -4.79 -3.01
N PRO A 424 0.73 -4.33 -2.03
CA PRO A 424 -0.66 -3.95 -2.31
C PRO A 424 -0.73 -2.83 -3.32
N PRO A 425 -1.71 -2.86 -4.22
CA PRO A 425 -1.87 -1.73 -5.16
C PRO A 425 -2.14 -0.42 -4.46
N GLU A 426 -2.85 -0.44 -3.33
CA GLU A 426 -3.04 0.79 -2.56
C GLU A 426 -1.71 1.28 -2.00
N ILE A 427 -0.86 0.36 -1.55
CA ILE A 427 0.45 0.75 -1.02
C ILE A 427 1.31 1.34 -2.13
N VAL A 428 1.30 0.72 -3.32
CA VAL A 428 2.14 1.19 -4.41
C VAL A 428 1.59 2.48 -5.02
N LYS A 429 0.28 2.74 -4.86
CA LYS A 429 -0.28 4.00 -5.31
C LYS A 429 -0.16 5.11 -4.27
N GLN A 430 0.22 4.77 -3.03
CA GLN A 430 0.44 5.81 -2.04
C GLN A 430 1.68 6.63 -2.36
N GLY A 431 2.75 5.97 -2.76
CA GLY A 431 3.95 6.68 -3.17
C GLY A 431 5.20 5.87 -2.89
N LYS A 432 6.33 6.43 -3.33
CA LYS A 432 7.63 5.79 -3.15
C LYS A 432 7.97 5.62 -1.68
N GLU A 433 7.71 6.64 -0.87
CA GLU A 433 7.98 6.53 0.56
C GLU A 433 7.17 5.42 1.19
N ALA A 434 5.88 5.31 0.82
CA ALA A 434 5.05 4.23 1.32
C ALA A 434 5.55 2.87 0.88
N VAL A 435 6.00 2.76 -0.38
CA VAL A 435 6.58 1.49 -0.84
C VAL A 435 7.80 1.13 0.00
N ARG A 436 8.67 2.09 0.24
CA ARG A 436 9.86 1.85 1.05
C ARG A 436 9.52 1.44 2.47
N GLN A 437 8.57 2.11 3.12
CA GLN A 437 8.18 1.72 4.48
C GLN A 437 7.54 0.33 4.50
N TYR A 438 6.70 0.02 3.52
CA TYR A 438 6.13 -1.32 3.45
C TYR A 438 7.21 -2.38 3.30
N PHE A 439 8.18 -2.13 2.42
CA PHE A 439 9.23 -3.12 2.20
C PHE A 439 10.15 -3.23 3.39
N GLN A 440 10.44 -2.14 4.10
CA GLN A 440 11.25 -2.23 5.30
C GLN A 440 10.52 -2.96 6.43
N SER A 441 9.20 -2.77 6.53
CA SER A 441 8.42 -3.54 7.49
C SER A 441 8.43 -5.02 7.15
N ILE A 442 8.32 -5.36 5.86
CA ILE A 442 8.43 -6.75 5.44
C ILE A 442 9.81 -7.30 5.78
N GLU A 443 10.85 -6.47 5.63
CA GLU A 443 12.20 -6.88 6.01
C GLU A 443 12.30 -7.16 7.50
N GLU A 444 11.67 -6.31 8.32
CA GLU A 444 11.69 -6.48 9.77
C GLU A 444 10.79 -7.64 10.19
N LEU A 452 4.70 -13.10 19.09
CA LEU A 452 5.07 -14.48 19.35
C LEU A 452 3.93 -15.42 19.02
N VAL A 453 3.91 -16.57 19.69
CA VAL A 453 2.87 -17.59 19.50
C VAL A 453 2.11 -17.75 20.80
N HIS A 454 0.79 -17.72 20.72
CA HIS A 454 -0.06 -17.81 21.90
C HIS A 454 -0.48 -19.27 22.13
N LEU A 455 -1.10 -19.50 23.29
CA LEU A 455 -1.41 -20.86 23.72
C LEU A 455 -2.81 -21.30 23.28
N GLN A 456 -3.82 -20.49 23.56
CA GLN A 456 -5.19 -20.74 23.13
C GLN A 456 -5.73 -22.05 23.71
N GLU A 457 -5.57 -22.21 25.02
CA GLU A 457 -6.08 -23.39 25.72
C GLU A 457 -6.57 -22.98 27.11
N ILE A 458 -7.47 -23.78 27.66
CA ILE A 458 -8.07 -23.51 28.96
C ILE A 458 -8.70 -24.79 29.48
N LYS A 459 -8.86 -24.88 30.80
CA LYS A 459 -9.50 -26.02 31.45
C LYS A 459 -10.70 -25.56 32.26
N VAL A 460 -11.73 -26.40 32.30
CA VAL A 460 -12.96 -26.09 33.01
C VAL A 460 -13.30 -27.29 33.91
N HIS A 461 -13.33 -27.06 35.21
CA HIS A 461 -13.76 -28.08 36.17
C HIS A 461 -15.18 -27.79 36.60
N LEU A 462 -16.09 -28.73 36.35
CA LEU A 462 -17.45 -28.62 36.82
C LEU A 462 -17.53 -29.07 38.27
N ILE A 463 -18.08 -28.22 39.12
CA ILE A 463 -18.02 -28.41 40.56
C ILE A 463 -19.46 -28.57 41.05
N GLY A 464 -19.91 -29.81 41.18
CA GLY A 464 -21.22 -30.11 41.72
C GLY A 464 -21.17 -30.40 43.21
N ASP A 465 -22.24 -31.01 43.70
CA ASP A 465 -22.32 -31.41 45.11
C ASP A 465 -22.84 -32.83 45.26
N GLY A 469 -27.45 -32.55 36.76
CA GLY A 469 -26.48 -31.49 37.00
C GLY A 469 -25.28 -31.57 36.08
N LYS A 470 -24.30 -32.40 36.44
CA LYS A 470 -23.14 -32.59 35.57
C LYS A 470 -23.54 -33.18 34.23
N THR A 471 -24.51 -34.12 34.24
CA THR A 471 -25.04 -34.63 32.99
C THR A 471 -25.78 -33.54 32.22
N SER A 472 -26.42 -32.61 32.93
CA SER A 472 -27.12 -31.53 32.28
C SER A 472 -26.16 -30.64 31.48
N LEU A 473 -25.00 -30.35 32.04
CA LEU A 473 -23.98 -29.62 31.31
C LEU A 473 -23.21 -30.51 30.33
N LEU A 474 -23.31 -31.83 30.47
CA LEU A 474 -22.85 -32.73 29.42
C LEU A 474 -23.79 -32.72 28.22
N LYS A 475 -25.04 -32.32 28.43
CA LYS A 475 -25.97 -32.19 27.31
C LYS A 475 -25.59 -31.01 26.41
N GLN A 476 -24.90 -30.01 26.94
CA GLN A 476 -24.39 -28.93 26.11
C GLN A 476 -23.13 -29.33 25.36
N LEU A 477 -22.45 -30.39 25.81
CA LEU A 477 -21.29 -30.90 25.10
C LEU A 477 -21.67 -31.67 23.85
N ILE A 478 -22.80 -32.37 23.88
CA ILE A 478 -23.27 -33.13 22.74
C ILE A 478 -24.05 -32.22 21.79
N GLY A 491 -18.75 -37.16 31.83
CA GLY A 491 -17.82 -37.96 31.06
C GLY A 491 -16.61 -38.39 31.86
N LEU A 492 -16.82 -38.57 33.17
CA LEU A 492 -15.76 -38.97 34.10
C LEU A 492 -14.57 -38.00 34.05
N ASN A 493 -14.86 -36.72 33.81
CA ASN A 493 -13.86 -35.66 33.74
C ASN A 493 -12.90 -35.85 32.58
N VAL A 494 -12.08 -34.83 32.33
CA VAL A 494 -11.04 -34.85 31.30
C VAL A 494 -11.65 -35.19 29.95
N VAL A 495 -12.35 -34.23 29.36
CA VAL A 495 -12.85 -34.34 27.99
C VAL A 495 -12.47 -33.08 27.24
N THR A 496 -12.21 -33.22 25.94
CA THR A 496 -11.67 -32.15 25.12
C THR A 496 -12.72 -31.68 24.12
N LYS A 497 -12.80 -30.37 23.91
CA LYS A 497 -13.73 -29.78 22.98
C LYS A 497 -13.11 -28.57 22.29
N GLN A 498 -13.68 -28.21 21.15
CA GLN A 498 -13.28 -27.03 20.39
C GLN A 498 -14.49 -26.13 20.24
N ALA A 499 -14.27 -24.92 19.71
CA ALA A 499 -15.35 -23.97 19.52
C ALA A 499 -16.54 -24.52 18.74
N PRO A 500 -16.36 -25.25 17.62
CA PRO A 500 -17.53 -25.87 16.98
C PRO A 500 -18.25 -26.86 17.87
N ASN A 501 -17.54 -27.53 18.79
CA ASN A 501 -18.17 -28.55 19.62
C ASN A 501 -19.20 -27.93 20.56
N ILE A 502 -18.91 -26.77 21.15
CA ILE A 502 -19.82 -26.16 22.10
C ILE A 502 -21.00 -25.56 21.34
N LYS A 503 -22.21 -25.87 21.79
CA LYS A 503 -23.43 -25.36 21.19
C LYS A 503 -23.76 -23.99 21.79
N GLY A 504 -23.97 -23.00 20.93
CA GLY A 504 -24.27 -21.65 21.35
C GLY A 504 -23.09 -20.71 21.40
N LEU A 505 -21.86 -21.24 21.33
CA LEU A 505 -20.66 -20.43 21.35
C LEU A 505 -19.88 -20.53 20.05
N GLU A 506 -20.35 -21.32 19.09
CA GLU A 506 -19.70 -21.43 17.79
C GLU A 506 -20.02 -20.28 16.85
N ASN A 507 -20.98 -19.43 17.23
CA ASN A 507 -21.29 -18.26 16.40
C ASN A 507 -20.14 -17.26 16.41
N ASP A 508 -19.45 -17.14 17.54
CA ASP A 508 -18.35 -16.19 17.68
C ASP A 508 -17.09 -16.78 17.06
N ASP A 509 -16.59 -16.14 16.00
CA ASP A 509 -15.30 -16.48 15.42
C ASP A 509 -14.14 -15.92 16.22
N GLU A 510 -14.42 -15.13 17.27
CA GLU A 510 -13.37 -14.61 18.12
C GLU A 510 -12.56 -15.72 18.77
N LEU A 511 -13.21 -16.83 19.12
CA LEU A 511 -12.59 -17.92 19.85
C LEU A 511 -12.68 -19.22 19.06
N LYS A 512 -12.54 -19.13 17.74
CA LYS A 512 -12.66 -20.32 16.90
C LYS A 512 -11.58 -21.33 17.21
N GLU A 513 -10.34 -20.87 17.34
CA GLU A 513 -9.21 -21.75 17.66
C GLU A 513 -8.91 -21.69 19.16
N CYS A 514 -9.83 -22.23 19.94
CA CYS A 514 -9.68 -22.30 21.39
C CYS A 514 -10.00 -23.70 21.86
N LEU A 515 -9.11 -24.27 22.67
CA LEU A 515 -9.31 -25.60 23.24
C LEU A 515 -10.00 -25.47 24.59
N PHE A 516 -10.92 -26.40 24.87
CA PHE A 516 -11.65 -26.43 26.12
C PHE A 516 -11.47 -27.80 26.76
N HIS A 517 -11.11 -27.80 28.04
CA HIS A 517 -10.94 -29.03 28.81
C HIS A 517 -11.97 -29.04 29.92
N PHE A 518 -12.82 -30.06 29.95
CA PHE A 518 -13.90 -30.17 30.91
C PHE A 518 -13.64 -31.33 31.85
N TRP A 519 -13.59 -31.03 33.15
CA TRP A 519 -13.46 -32.03 34.19
C TRP A 519 -14.64 -31.91 35.15
N ASP A 520 -15.04 -33.04 35.73
CA ASP A 520 -16.18 -33.05 36.65
C ASP A 520 -16.19 -34.32 37.48
N PHE A 521 -16.58 -34.17 38.75
CA PHE A 521 -16.71 -35.29 39.67
C PHE A 521 -17.93 -35.12 40.56
N GLY A 522 -18.06 -35.96 41.58
CA GLY A 522 -19.17 -35.85 42.50
C GLY A 522 -19.26 -37.01 43.48
N GLY A 523 -19.60 -36.71 44.72
CA GLY A 523 -19.73 -37.75 45.73
C GLY A 523 -19.60 -37.15 47.12
N GLN A 524 -19.62 -38.04 48.10
CA GLN A 524 -19.54 -37.68 49.50
C GLN A 524 -18.13 -37.82 50.06
N GLU A 525 -17.51 -38.99 49.89
CA GLU A 525 -16.15 -39.23 50.36
C GLU A 525 -15.11 -39.09 49.26
N ILE A 526 -15.53 -38.91 48.01
CA ILE A 526 -14.60 -38.61 46.93
C ILE A 526 -14.03 -37.22 47.17
N MET A 527 -12.72 -37.13 47.29
CA MET A 527 -12.07 -35.86 47.67
C MET A 527 -10.71 -35.80 46.98
N HIS A 528 -10.65 -35.07 45.87
CA HIS A 528 -9.41 -34.87 45.12
C HIS A 528 -9.27 -33.36 44.90
N ALA A 529 -8.71 -32.67 45.90
CA ALA A 529 -8.49 -31.23 45.77
C ALA A 529 -7.52 -30.93 44.65
N SER A 530 -6.41 -31.66 44.59
CA SER A 530 -5.46 -31.59 43.49
C SER A 530 -5.49 -32.95 42.79
N HIS A 531 -5.99 -32.96 41.56
CA HIS A 531 -6.30 -34.17 40.81
C HIS A 531 -5.19 -35.20 40.83
N ARG A 537 -4.61 -20.32 38.78
CA ARG A 537 -5.58 -19.88 37.78
C ARG A 537 -5.63 -20.86 36.62
N SER A 538 -5.56 -20.33 35.39
CA SER A 538 -5.51 -21.12 34.17
C SER A 538 -6.75 -22.01 34.00
N SER A 539 -7.90 -21.54 34.46
CA SER A 539 -9.11 -22.34 34.37
C SER A 539 -10.33 -21.45 34.57
N VAL A 540 -11.50 -22.05 34.40
CA VAL A 540 -12.78 -21.42 34.72
C VAL A 540 -13.63 -22.47 35.41
N TYR A 541 -14.20 -22.12 36.56
CA TYR A 541 -14.97 -23.05 37.39
C TYR A 541 -16.45 -22.68 37.31
N MET A 542 -17.26 -23.55 36.71
CA MET A 542 -18.71 -23.37 36.73
C MET A 542 -19.26 -24.16 37.90
N LEU A 543 -19.55 -23.47 39.00
CA LEU A 543 -20.20 -24.07 40.14
C LEU A 543 -21.62 -24.46 39.79
N LEU A 544 -22.06 -25.60 40.30
CA LEU A 544 -23.36 -26.17 40.00
C LEU A 544 -24.20 -26.22 41.26
N LEU A 545 -25.46 -25.83 41.16
CA LEU A 545 -26.34 -25.83 42.32
C LEU A 545 -27.66 -26.52 42.00
N ASP A 546 -28.25 -27.11 43.04
CA ASP A 546 -29.56 -27.70 43.00
C ASP A 546 -30.30 -27.34 44.28
N SER A 547 -31.63 -27.27 44.19
CA SER A 547 -32.42 -26.72 45.29
C SER A 547 -32.21 -27.48 46.59
N ARG A 548 -32.05 -28.79 46.52
CA ARG A 548 -31.88 -29.58 47.74
C ARG A 548 -30.49 -29.43 48.34
N THR A 549 -29.50 -29.06 47.52
CA THR A 549 -28.11 -28.94 47.97
C THR A 549 -27.70 -27.51 48.27
N ASP A 550 -28.62 -26.55 48.21
CA ASP A 550 -28.28 -25.16 48.48
C ASP A 550 -27.82 -24.93 49.91
N SER A 551 -28.20 -25.82 50.84
CA SER A 551 -27.73 -25.68 52.21
C SER A 551 -26.21 -25.82 52.28
N ASN A 552 -25.65 -26.76 51.53
CA ASN A 552 -24.20 -26.89 51.40
C ASN A 552 -23.73 -26.18 50.14
N LYS A 553 -23.69 -24.86 50.24
CA LYS A 553 -23.27 -24.01 49.12
C LYS A 553 -21.95 -23.31 49.39
N HIS A 554 -21.70 -22.92 50.64
CA HIS A 554 -20.45 -22.27 51.01
C HIS A 554 -19.26 -23.19 50.81
N TYR A 555 -19.48 -24.51 50.85
CA TYR A 555 -18.43 -25.52 50.75
C TYR A 555 -17.63 -25.40 49.45
N TRP A 556 -18.28 -25.60 48.31
CA TRP A 556 -17.56 -25.61 47.05
C TRP A 556 -17.08 -24.23 46.65
N LEU A 557 -17.82 -23.18 47.03
CA LEU A 557 -17.36 -21.82 46.76
C LEU A 557 -16.07 -21.51 47.49
N ARG A 558 -16.00 -21.86 48.79
CA ARG A 558 -14.75 -21.68 49.51
C ARG A 558 -13.67 -22.61 48.99
N HIS A 559 -14.05 -23.79 48.48
CA HIS A 559 -13.07 -24.67 47.85
C HIS A 559 -12.43 -24.01 46.64
N ILE A 560 -13.25 -23.36 45.81
CA ILE A 560 -12.72 -22.63 44.65
C ILE A 560 -11.84 -21.47 45.11
N GLU A 561 -12.26 -20.77 46.16
CA GLU A 561 -11.46 -19.65 46.65
C GLU A 561 -10.11 -20.11 47.18
N LYS A 562 -10.07 -21.24 47.88
CA LYS A 562 -8.82 -21.71 48.49
C LYS A 562 -7.93 -22.43 47.47
N TYR A 563 -8.41 -23.54 46.92
CA TYR A 563 -7.64 -24.31 45.95
C TYR A 563 -7.92 -23.78 44.55
N GLY A 564 -7.41 -24.47 43.53
CA GLY A 564 -7.70 -24.07 42.16
C GLY A 564 -6.77 -22.96 41.71
N GLY A 565 -7.27 -21.73 41.75
CA GLY A 565 -6.46 -20.56 41.48
C GLY A 565 -7.23 -19.28 41.77
N LYS A 566 -7.00 -18.26 40.95
CA LYS A 566 -7.81 -17.05 40.96
C LYS A 566 -8.73 -17.03 39.74
N SER A 567 -9.22 -18.21 39.38
CA SER A 567 -9.94 -18.46 38.14
C SER A 567 -11.33 -17.82 38.17
N PRO A 568 -11.82 -17.41 37.01
CA PRO A 568 -13.21 -16.92 36.94
C PRO A 568 -14.18 -18.02 37.34
N VAL A 569 -15.24 -17.62 38.04
CA VAL A 569 -16.24 -18.55 38.55
C VAL A 569 -17.61 -18.16 38.00
N ILE A 570 -18.33 -19.15 37.47
CA ILE A 570 -19.67 -18.96 36.93
C ILE A 570 -20.59 -19.88 37.75
N VAL A 571 -21.49 -19.28 38.54
CA VAL A 571 -22.43 -20.08 39.30
C VAL A 571 -23.69 -20.30 38.48
N VAL A 572 -24.12 -21.55 38.36
CA VAL A 572 -25.31 -21.90 37.61
C VAL A 572 -26.21 -22.77 38.48
N MET A 573 -27.50 -22.44 38.50
CA MET A 573 -28.51 -23.19 39.23
C MET A 573 -29.31 -24.01 38.24
N ASN A 574 -29.38 -25.31 38.47
CA ASN A 574 -30.00 -26.24 37.55
C ASN A 574 -31.23 -26.88 38.19
N LYS A 575 -32.08 -27.48 37.35
CA LYS A 575 -33.35 -28.07 37.77
C LYS A 575 -34.26 -27.03 38.40
N ILE A 576 -34.56 -25.99 37.61
CA ILE A 576 -35.48 -24.94 38.02
C ILE A 576 -36.92 -25.28 37.72
N ASP A 577 -37.18 -26.33 36.95
CA ASP A 577 -38.54 -26.72 36.61
C ASP A 577 -39.30 -27.30 37.80
N GLU A 578 -38.60 -28.03 38.68
CA GLU A 578 -39.27 -28.59 39.85
C GLU A 578 -39.68 -27.50 40.84
N ASN A 579 -38.88 -26.45 40.96
CA ASN A 579 -39.19 -25.30 41.81
C ASN A 579 -38.95 -24.03 41.00
N PRO A 580 -39.93 -23.62 40.18
CA PRO A 580 -39.78 -22.41 39.37
C PRO A 580 -39.79 -21.11 40.16
N SER A 581 -39.96 -21.17 41.47
CA SER A 581 -40.02 -19.98 42.31
C SER A 581 -38.77 -19.76 43.17
N TYR A 582 -37.78 -20.64 43.06
CA TYR A 582 -36.59 -20.52 43.90
C TYR A 582 -35.47 -19.83 43.12
N ASN A 583 -35.00 -18.70 43.66
CA ASN A 583 -33.81 -18.02 43.18
C ASN A 583 -32.94 -17.67 44.37
N ILE A 584 -31.63 -17.91 44.26
CA ILE A 584 -30.70 -17.58 45.32
C ILE A 584 -30.44 -16.08 45.29
N GLU A 585 -29.86 -15.56 46.38
CA GLU A 585 -29.48 -14.15 46.46
C GLU A 585 -28.12 -14.00 45.79
N GLN A 586 -28.15 -13.89 44.46
CA GLN A 586 -26.92 -13.88 43.68
C GLN A 586 -26.07 -12.65 43.96
N LYS A 587 -26.69 -11.55 44.39
CA LYS A 587 -25.93 -10.33 44.69
C LYS A 587 -25.00 -10.55 45.88
N LYS A 588 -25.51 -11.18 46.94
CA LYS A 588 -24.72 -11.34 48.16
C LYS A 588 -23.51 -12.24 47.91
N ILE A 589 -23.72 -13.36 47.21
CA ILE A 589 -22.61 -14.26 46.94
C ILE A 589 -21.67 -13.66 45.89
N ASN A 590 -22.20 -12.85 44.97
CA ASN A 590 -21.35 -12.19 43.99
C ASN A 590 -20.42 -11.19 44.65
N GLU A 591 -20.92 -10.41 45.60
CA GLU A 591 -20.05 -9.49 46.32
C GLU A 591 -19.14 -10.24 47.30
N ARG A 592 -19.60 -11.38 47.80
CA ARG A 592 -18.75 -12.18 48.70
C ARG A 592 -17.61 -12.85 47.95
N PHE A 593 -17.84 -13.24 46.71
CA PHE A 593 -16.82 -13.91 45.90
C PHE A 593 -16.49 -13.06 44.68
N PRO A 594 -15.32 -12.42 44.64
CA PRO A 594 -15.05 -11.44 43.58
C PRO A 594 -14.70 -12.06 42.24
N ALA A 595 -14.70 -13.37 42.12
CA ALA A 595 -14.45 -14.05 40.86
C ALA A 595 -15.72 -14.38 40.10
N ILE A 596 -16.87 -13.93 40.59
CA ILE A 596 -18.16 -14.22 39.95
C ILE A 596 -18.48 -13.12 38.94
N GLU A 597 -18.62 -11.89 39.44
CA GLU A 597 -18.95 -10.72 38.63
C GLU A 597 -20.23 -10.94 37.82
N ASN A 598 -21.25 -11.46 38.50
CA ASN A 598 -22.61 -11.57 37.95
C ASN A 598 -22.66 -12.41 36.69
N ARG A 599 -22.16 -13.64 36.79
CA ARG A 599 -22.26 -14.64 35.73
C ARG A 599 -23.14 -15.76 36.26
N PHE A 600 -24.46 -15.60 36.10
CA PHE A 600 -25.42 -16.51 36.70
C PHE A 600 -26.39 -17.01 35.65
N HIS A 601 -26.91 -18.23 35.89
CA HIS A 601 -27.95 -18.81 35.06
C HIS A 601 -28.96 -19.51 35.95
N ARG A 602 -30.20 -19.54 35.49
CA ARG A 602 -31.32 -20.15 36.22
C ARG A 602 -32.14 -21.03 35.28
N ILE A 603 -31.46 -21.84 34.50
CA ILE A 603 -32.10 -22.67 33.49
C ILE A 603 -32.18 -24.11 33.97
N SER A 604 -33.15 -24.84 33.45
CA SER A 604 -33.32 -26.27 33.74
C SER A 604 -33.13 -27.07 32.45
N CYS A 605 -33.13 -28.39 32.60
CA CYS A 605 -32.97 -29.28 31.47
C CYS A 605 -34.05 -30.36 31.45
N GLU A 612 -28.34 -19.89 24.80
CA GLU A 612 -28.16 -19.96 26.24
C GLU A 612 -27.18 -18.93 26.74
N SER A 613 -27.48 -18.33 27.89
CA SER A 613 -26.56 -17.39 28.52
C SER A 613 -25.30 -18.06 29.03
N ILE A 614 -25.27 -19.40 29.09
CA ILE A 614 -24.07 -20.12 29.52
C ILE A 614 -22.92 -19.83 28.57
N ALA A 615 -23.19 -19.80 27.26
CA ALA A 615 -22.14 -19.51 26.29
C ALA A 615 -21.59 -18.11 26.49
N LYS A 616 -22.47 -17.13 26.71
CA LYS A 616 -22.00 -15.76 26.92
C LYS A 616 -21.17 -15.64 28.19
N SER A 617 -21.62 -16.27 29.27
CA SER A 617 -20.84 -16.24 30.51
C SER A 617 -19.49 -16.93 30.34
N LEU A 618 -19.47 -18.07 29.65
CA LEU A 618 -18.22 -18.79 29.42
C LEU A 618 -17.26 -17.93 28.60
N LYS A 619 -17.75 -17.29 27.55
CA LYS A 619 -16.88 -16.46 26.72
C LYS A 619 -16.35 -15.28 27.54
N SER A 620 -17.23 -14.58 28.26
CA SER A 620 -16.79 -13.45 29.05
C SER A 620 -15.87 -13.86 30.20
N ALA A 621 -15.88 -15.13 30.59
CA ALA A 621 -14.98 -15.59 31.65
C ALA A 621 -13.64 -16.08 31.12
N VAL A 622 -13.61 -16.64 29.90
CA VAL A 622 -12.35 -17.18 29.37
C VAL A 622 -11.35 -16.06 29.14
N LEU A 623 -11.78 -14.96 28.52
CA LEU A 623 -10.87 -13.87 28.16
C LEU A 623 -10.80 -12.91 29.33
N HIS A 624 -9.97 -13.28 30.32
CA HIS A 624 -9.80 -12.52 31.54
C HIS A 624 -8.30 -12.46 31.86
N PRO A 625 -7.82 -11.32 32.37
CA PRO A 625 -6.41 -11.25 32.78
C PRO A 625 -6.05 -12.23 33.87
N ASP A 626 -6.99 -12.56 34.76
CA ASP A 626 -6.76 -13.54 35.81
C ASP A 626 -6.79 -14.98 35.31
N SER A 627 -6.87 -15.17 33.99
CA SER A 627 -6.84 -16.48 33.37
C SER A 627 -5.86 -16.45 32.20
N ILE A 628 -5.42 -17.63 31.78
CA ILE A 628 -4.51 -17.73 30.64
C ILE A 628 -5.24 -18.45 29.51
N TYR A 629 -5.67 -17.68 28.52
CA TYR A 629 -6.10 -18.22 27.23
C TYR A 629 -5.24 -17.68 26.10
N GLY A 630 -5.02 -16.36 26.06
CA GLY A 630 -4.03 -15.79 25.18
C GLY A 630 -2.83 -15.32 25.98
N THR A 631 -1.76 -16.11 25.94
CA THR A 631 -0.53 -15.80 26.67
C THR A 631 0.63 -15.91 25.68
N PRO A 632 1.45 -14.87 25.53
CA PRO A 632 2.53 -14.91 24.53
C PRO A 632 3.77 -15.59 25.09
N LEU A 633 4.12 -16.73 24.49
CA LEU A 633 5.32 -17.47 24.85
C LEU A 633 6.07 -17.84 23.56
N ALA A 634 7.35 -18.13 23.71
CA ALA A 634 8.17 -18.46 22.55
C ALA A 634 7.68 -19.74 21.90
N PRO A 635 7.75 -19.85 20.57
CA PRO A 635 7.31 -21.09 19.91
C PRO A 635 8.07 -22.32 20.36
N SER A 636 9.34 -22.16 20.76
CA SER A 636 10.09 -23.28 21.30
C SER A 636 9.38 -23.89 22.50
N TRP A 637 8.71 -23.05 23.29
CA TRP A 637 7.95 -23.55 24.43
C TRP A 637 6.82 -24.47 23.97
N ILE A 638 6.13 -24.10 22.89
CA ILE A 638 5.04 -24.96 22.41
C ILE A 638 5.57 -26.24 21.78
N LYS A 639 6.74 -26.18 21.13
CA LYS A 639 7.35 -27.42 20.66
C LYS A 639 7.72 -28.33 21.83
N VAL A 640 8.28 -27.76 22.90
CA VAL A 640 8.62 -28.56 24.07
C VAL A 640 7.37 -29.13 24.71
N LYS A 641 6.29 -28.35 24.76
CA LYS A 641 5.03 -28.83 25.32
C LYS A 641 4.47 -29.98 24.50
N GLU A 642 4.51 -29.87 23.17
CA GLU A 642 4.04 -30.96 22.32
C GLU A 642 4.89 -32.22 22.50
N LYS A 643 6.21 -32.06 22.59
CA LYS A 643 7.08 -33.22 22.82
C LYS A 643 6.80 -33.85 24.18
N LEU A 644 6.56 -33.03 25.20
CA LEU A 644 6.22 -33.55 26.52
C LEU A 644 4.90 -34.32 26.48
N VAL A 645 3.91 -33.80 25.75
CA VAL A 645 2.64 -34.50 25.63
C VAL A 645 2.85 -35.83 24.92
N GLU A 646 3.66 -35.84 23.85
CA GLU A 646 3.91 -37.08 23.13
C GLU A 646 4.60 -38.11 24.02
N ALA A 647 5.54 -37.67 24.85
CA ALA A 647 6.23 -38.60 25.74
C ALA A 647 5.30 -39.09 26.86
N THR A 648 4.43 -38.21 27.37
CA THR A 648 3.63 -38.52 28.54
C THR A 648 2.38 -39.33 28.19
N THR A 649 1.90 -39.24 26.95
CA THR A 649 0.71 -40.01 26.57
C THR A 649 0.99 -41.50 26.52
N ALA A 650 2.27 -41.90 26.47
CA ALA A 650 2.66 -43.30 26.48
C ALA A 650 3.45 -43.68 27.73
N GLN A 651 4.51 -42.93 28.04
CA GLN A 651 5.31 -43.22 29.22
C GLN A 651 4.49 -43.03 30.50
N ARG A 652 3.68 -41.98 30.55
CA ARG A 652 2.77 -41.66 31.64
C ARG A 652 3.48 -41.14 32.89
N TYR A 653 4.82 -41.16 32.89
CA TYR A 653 5.58 -40.60 34.01
C TYR A 653 7.00 -40.34 33.56
N LEU A 654 7.40 -39.07 33.60
CA LEU A 654 8.73 -38.66 33.17
C LEU A 654 9.73 -38.70 34.32
N ASN A 655 10.99 -38.91 33.98
CA ASN A 655 12.09 -38.77 34.92
C ASN A 655 12.61 -37.34 34.88
N ARG A 656 13.20 -36.91 36.00
CA ARG A 656 13.82 -35.59 36.04
C ARG A 656 14.90 -35.46 34.97
N THR A 657 15.67 -36.54 34.75
CA THR A 657 16.67 -36.53 33.70
C THR A 657 16.04 -36.33 32.33
N GLU A 658 14.95 -37.05 32.04
CA GLU A 658 14.27 -36.87 30.76
C GLU A 658 13.62 -35.50 30.66
N VAL A 659 13.10 -34.97 31.77
CA VAL A 659 12.54 -33.62 31.76
C VAL A 659 13.61 -32.61 31.37
N GLU A 660 14.79 -32.71 31.99
CA GLU A 660 15.87 -31.79 31.65
C GLU A 660 16.34 -31.99 30.22
N LYS A 661 16.38 -33.24 29.74
CA LYS A 661 16.79 -33.51 28.37
C LYS A 661 15.84 -32.85 27.38
N ILE A 662 14.54 -33.00 27.60
CA ILE A 662 13.56 -32.38 26.70
C ILE A 662 13.63 -30.85 26.80
N CYS A 663 13.85 -30.34 28.01
CA CYS A 663 13.93 -28.89 28.19
C CYS A 663 15.13 -28.30 27.45
N ASN A 664 16.27 -28.99 27.51
CA ASN A 664 17.50 -28.54 26.85
C ASN A 664 17.57 -28.95 25.39
N ASP A 665 16.62 -29.76 24.91
CA ASP A 665 16.48 -29.94 23.47
C ASP A 665 16.34 -28.59 22.78
N SER A 666 15.60 -27.68 23.39
CA SER A 666 15.54 -26.29 22.94
C SER A 666 16.56 -25.41 23.65
N GLY A 667 17.44 -25.99 24.46
CA GLY A 667 18.46 -25.25 25.15
C GLY A 667 18.04 -24.60 26.45
N ILE A 668 16.78 -24.76 26.86
CA ILE A 668 16.28 -24.08 28.05
C ILE A 668 16.66 -24.90 29.28
N THR A 669 17.43 -24.29 30.17
CA THR A 669 17.83 -24.94 31.42
C THR A 669 17.66 -24.05 32.64
N ASP A 670 17.14 -22.84 32.49
CA ASP A 670 16.89 -21.99 33.63
C ASP A 670 15.85 -22.64 34.54
N PRO A 671 16.14 -22.84 35.83
CA PRO A 671 15.11 -23.40 36.71
C PRO A 671 13.82 -22.61 36.72
N GLY A 672 13.90 -21.28 36.64
CA GLY A 672 12.69 -20.48 36.55
C GLY A 672 11.92 -20.73 35.26
N GLU A 673 12.64 -20.79 34.13
CA GLU A 673 11.99 -21.01 32.84
C GLU A 673 11.34 -22.38 32.78
N ARG A 674 12.07 -23.42 33.17
CA ARG A 674 11.50 -24.76 33.19
C ARG A 674 10.34 -24.87 34.17
N LYS A 675 10.46 -24.20 35.32
CA LYS A 675 9.39 -24.20 36.30
C LYS A 675 8.12 -23.56 35.74
N THR A 676 8.27 -22.44 35.04
CA THR A 676 7.11 -21.81 34.42
C THR A 676 6.51 -22.66 33.31
N LEU A 677 7.36 -23.33 32.52
CA LEU A 677 6.84 -24.21 31.48
C LEU A 677 6.04 -25.36 32.08
N LEU A 678 6.58 -25.99 33.13
CA LEU A 678 5.84 -27.06 33.78
C LEU A 678 4.59 -26.56 34.49
N GLY A 679 4.63 -25.34 35.02
CA GLY A 679 3.43 -24.77 35.63
C GLY A 679 2.34 -24.51 34.62
N TYR A 680 2.71 -24.01 33.44
CA TYR A 680 1.72 -23.82 32.38
C TYR A 680 1.25 -25.14 31.80
N LEU A 681 2.07 -26.19 31.88
CA LEU A 681 1.62 -27.52 31.46
C LEU A 681 0.69 -28.15 32.49
N ASN A 682 0.88 -27.85 33.78
CA ASN A 682 0.09 -28.46 34.84
C ASN A 682 -1.23 -27.72 35.05
N ASN A 683 -1.16 -26.40 35.22
CA ASN A 683 -2.35 -25.61 35.50
C ASN A 683 -3.36 -25.67 34.37
N LEU A 684 -2.94 -26.05 33.16
CA LEU A 684 -3.85 -26.33 32.06
C LEU A 684 -4.29 -27.78 32.05
N GLY A 685 -3.75 -28.62 32.94
CA GLY A 685 -4.22 -29.99 33.09
C GLY A 685 -3.97 -30.92 31.92
N ILE A 686 -2.77 -30.88 31.35
CA ILE A 686 -2.36 -31.86 30.35
C ILE A 686 -1.30 -32.81 30.91
N VAL A 687 -0.27 -32.27 31.57
CA VAL A 687 0.72 -33.08 32.28
C VAL A 687 0.87 -32.50 33.68
N LEU A 688 0.54 -33.32 34.68
CA LEU A 688 0.55 -32.86 36.06
C LEU A 688 1.96 -32.87 36.64
N TYR A 689 2.17 -32.05 37.67
CA TYR A 689 3.46 -31.96 38.34
C TYR A 689 3.22 -31.37 39.73
N PHE A 690 3.68 -32.07 40.75
CA PHE A 690 3.55 -31.62 42.12
C PHE A 690 4.92 -31.38 42.74
N GLU A 691 4.94 -30.58 43.79
CA GLU A 691 6.16 -30.26 44.51
C GLU A 691 6.37 -31.16 45.73
N ALA A 692 5.51 -32.16 45.94
CA ALA A 692 5.58 -33.02 47.10
C ALA A 692 5.68 -34.49 46.72
N LEU A 693 6.09 -34.80 45.50
CA LEU A 693 6.23 -36.20 45.10
C LEU A 693 7.39 -36.87 45.83
N ASP A 694 8.55 -36.22 45.84
CA ASP A 694 9.76 -36.73 46.50
C ASP A 694 10.17 -38.10 45.98
N LEU A 695 9.78 -38.45 44.76
CA LEU A 695 10.10 -39.73 44.15
C LEU A 695 10.94 -39.49 42.91
N SER A 696 12.06 -40.20 42.79
CA SER A 696 12.93 -40.06 41.64
C SER A 696 12.45 -40.85 40.43
N GLU A 697 11.51 -41.78 40.62
CA GLU A 697 11.01 -42.56 39.50
C GLU A 697 10.06 -41.76 38.63
N ILE A 698 9.28 -40.85 39.23
CA ILE A 698 8.29 -40.07 38.52
C ILE A 698 8.51 -38.60 38.82
N TYR A 699 8.66 -37.78 37.77
CA TYR A 699 8.72 -36.33 37.93
C TYR A 699 7.39 -35.68 37.58
N VAL A 700 6.91 -35.87 36.35
CA VAL A 700 5.58 -35.41 35.97
C VAL A 700 4.75 -36.66 35.64
N LEU A 701 3.45 -36.47 35.39
CA LEU A 701 2.54 -37.60 35.31
C LEU A 701 1.30 -37.20 34.52
N ASP A 702 0.63 -38.22 33.99
CA ASP A 702 -0.48 -38.02 33.05
C ASP A 702 -1.80 -38.08 33.80
N PRO A 703 -2.60 -37.00 33.78
CA PRO A 703 -3.89 -37.03 34.48
C PRO A 703 -4.88 -38.04 33.93
N HIS A 704 -4.73 -38.46 32.67
CA HIS A 704 -5.68 -39.39 32.08
C HIS A 704 -5.62 -40.78 32.72
N TRP A 705 -4.52 -41.11 33.38
CA TRP A 705 -4.40 -42.38 34.07
C TRP A 705 -4.04 -42.25 35.55
N VAL A 706 -3.17 -41.31 35.91
CA VAL A 706 -2.70 -41.23 37.29
C VAL A 706 -3.76 -40.67 38.23
N THR A 707 -4.77 -39.99 37.70
CA THR A 707 -5.88 -39.51 38.53
C THR A 707 -7.01 -40.54 38.60
N ILE A 708 -7.33 -41.17 37.47
CA ILE A 708 -8.31 -42.24 37.50
C ILE A 708 -7.83 -43.41 38.35
N GLY A 709 -6.51 -43.62 38.44
CA GLY A 709 -6.01 -44.66 39.33
C GLY A 709 -6.35 -44.38 40.78
N VAL A 710 -6.09 -43.16 41.25
CA VAL A 710 -6.48 -42.79 42.60
C VAL A 710 -7.99 -42.89 42.77
N TYR A 711 -8.73 -42.57 41.71
CA TYR A 711 -10.19 -42.68 41.75
C TYR A 711 -10.63 -44.12 42.03
N ARG A 712 -10.01 -45.11 41.37
CA ARG A 712 -10.43 -46.49 41.57
C ARG A 712 -10.15 -46.97 42.99
N ILE A 713 -8.91 -46.81 43.47
CA ILE A 713 -8.58 -47.32 44.80
C ILE A 713 -9.28 -46.52 45.91
N ILE A 714 -9.57 -45.23 45.70
CA ILE A 714 -10.17 -44.44 46.77
C ILE A 714 -11.55 -44.98 47.13
N ASN A 715 -12.18 -45.70 46.21
CA ASN A 715 -13.46 -46.34 46.51
C ASN A 715 -13.63 -47.56 45.59
N SER A 716 -13.64 -48.75 46.18
CA SER A 716 -13.91 -49.98 45.44
C SER A 716 -14.77 -50.97 46.22
N SER A 717 -15.54 -50.49 47.21
CA SER A 717 -16.40 -51.30 48.06
C SER A 717 -15.59 -52.14 49.03
N LYS A 718 -14.27 -52.14 48.87
CA LYS A 718 -13.40 -52.74 49.89
C LYS A 718 -12.88 -51.69 50.84
N THR A 719 -12.68 -50.46 50.35
CA THR A 719 -12.35 -49.34 51.20
C THR A 719 -13.57 -48.74 51.87
N LYS A 720 -14.77 -49.08 51.42
CA LYS A 720 -16.00 -48.63 52.06
C LYS A 720 -16.09 -49.17 53.48
N ASN A 721 -15.76 -50.45 53.66
CA ASN A 721 -15.70 -51.05 54.98
C ASN A 721 -14.64 -50.36 55.82
N GLY A 722 -13.61 -49.81 55.16
CA GLY A 722 -12.63 -49.01 55.86
C GLY A 722 -11.20 -49.52 55.73
N HIS A 723 -11.01 -50.74 55.24
CA HIS A 723 -9.69 -51.33 55.17
C HIS A 723 -9.48 -52.00 53.81
N LEU A 724 -8.37 -51.66 53.16
CA LEU A 724 -7.98 -52.25 51.90
C LEU A 724 -7.08 -53.45 52.12
N ASN A 725 -7.23 -54.46 51.26
CA ASN A 725 -6.45 -55.68 51.35
C ASN A 725 -4.95 -55.39 51.19
N THR A 726 -4.15 -56.43 51.44
CA THR A 726 -2.70 -56.27 51.46
C THR A 726 -2.18 -55.71 50.15
N SER A 727 -2.34 -56.47 49.06
CA SER A 727 -1.88 -56.03 47.75
C SER A 727 -2.91 -56.34 46.67
N ALA A 728 -4.18 -56.43 47.05
CA ALA A 728 -5.22 -56.77 46.09
C ALA A 728 -5.69 -55.54 45.33
N LEU A 729 -4.74 -54.79 44.77
CA LEU A 729 -5.10 -53.70 43.86
C LEU A 729 -5.35 -54.19 42.45
N GLY A 730 -4.81 -55.36 42.09
CA GLY A 730 -5.17 -55.98 40.82
C GLY A 730 -6.63 -56.37 40.76
N TYR A 731 -7.20 -56.80 41.88
CA TYR A 731 -8.63 -57.04 41.94
C TYR A 731 -9.40 -55.75 41.69
N ILE A 732 -8.92 -54.64 42.24
CA ILE A 732 -9.56 -53.34 42.01
C ILE A 732 -9.40 -52.93 40.55
N LEU A 733 -8.16 -52.76 40.11
CA LEU A 733 -7.86 -52.30 38.76
C LEU A 733 -7.26 -53.45 37.96
N ASN A 734 -7.86 -53.74 36.80
CA ASN A 734 -7.41 -54.81 35.91
C ASN A 734 -7.36 -56.15 36.64
N THR A 752 -4.12 -50.35 30.16
CA THR A 752 -2.68 -50.31 30.39
C THR A 752 -2.37 -50.04 31.86
N TYR A 753 -2.29 -51.11 32.66
CA TYR A 753 -2.01 -50.98 34.09
C TYR A 753 -1.53 -52.34 34.59
N THR A 754 -0.41 -52.35 35.28
CA THR A 754 0.19 -53.61 35.74
C THR A 754 0.68 -53.52 37.18
N LEU A 755 1.41 -54.55 37.63
CA LEU A 755 1.89 -54.58 39.01
C LEU A 755 2.95 -53.51 39.27
N LEU A 756 3.80 -53.24 38.28
CA LEU A 756 4.76 -52.14 38.42
C LEU A 756 4.03 -50.82 38.60
N GLU A 757 3.03 -50.56 37.77
CA GLU A 757 2.18 -49.39 37.97
C GLU A 757 1.38 -49.50 39.26
N GLN A 758 1.04 -50.73 39.66
CA GLN A 758 0.36 -50.93 40.94
C GLN A 758 1.16 -50.34 42.09
N ARG A 759 2.43 -50.72 42.20
CA ARG A 759 3.22 -50.21 43.32
C ARG A 759 3.73 -48.79 43.09
N TYR A 760 3.88 -48.35 41.84
CA TYR A 760 4.05 -46.93 41.57
C TYR A 760 2.92 -46.13 42.20
N LEU A 761 1.68 -46.48 41.90
CA LEU A 761 0.55 -45.74 42.44
C LEU A 761 0.40 -45.96 43.94
N LEU A 762 0.80 -47.12 44.45
CA LEU A 762 0.82 -47.29 45.90
C LEU A 762 1.71 -46.24 46.56
N ASP A 763 2.94 -46.11 46.06
CA ASP A 763 3.84 -45.09 46.58
C ASP A 763 3.25 -43.70 46.41
N ILE A 764 2.60 -43.46 45.26
CA ILE A 764 1.96 -42.16 45.02
C ILE A 764 0.90 -41.86 46.08
N MET A 765 0.05 -42.84 46.39
CA MET A 765 -1.04 -42.58 47.33
C MET A 765 -0.54 -42.45 48.76
N LYS A 766 0.54 -43.14 49.15
CA LYS A 766 1.14 -42.77 50.42
C LYS A 766 1.78 -41.39 50.39
N GLN A 767 2.31 -40.96 49.23
CA GLN A 767 2.95 -39.66 49.17
C GLN A 767 1.95 -38.51 49.22
N PHE A 768 0.75 -38.70 48.65
CA PHE A 768 -0.29 -37.67 48.68
C PHE A 768 -0.92 -37.49 50.05
N GLU A 769 -0.48 -38.21 51.07
CA GLU A 769 -1.01 -38.10 52.42
C GLU A 769 -2.53 -38.35 52.42
N LEU A 770 -2.89 -39.54 51.95
CA LEU A 770 -4.28 -39.97 51.91
C LEU A 770 -4.56 -41.21 52.74
N CYS A 771 -3.55 -42.06 52.96
CA CYS A 771 -3.74 -43.29 53.71
C CYS A 771 -2.39 -43.70 54.31
N TYR A 772 -2.42 -44.75 55.11
CA TYR A 772 -1.22 -45.25 55.77
C TYR A 772 -1.22 -46.77 55.69
N ASP A 773 -0.04 -47.35 55.51
CA ASP A 773 0.09 -48.78 55.24
C ASP A 773 0.07 -49.65 56.48
N GLU A 774 0.07 -49.07 57.68
CA GLU A 774 -0.10 -49.78 58.96
C GLU A 774 0.86 -50.97 58.99
N GLY A 775 0.38 -52.20 59.06
CA GLY A 775 1.24 -53.35 59.01
C GLY A 775 0.48 -54.56 58.50
N LYS A 776 1.24 -55.53 57.98
CA LYS A 776 0.67 -56.75 57.40
C LYS A 776 -0.35 -56.42 56.32
N GLY A 777 -0.04 -55.41 55.50
CA GLY A 777 -0.93 -55.03 54.41
C GLY A 777 -2.26 -54.47 54.84
N LEU A 778 -2.29 -53.70 55.92
CA LEU A 778 -3.53 -53.05 56.35
C LEU A 778 -3.54 -51.61 55.86
N PHE A 779 -4.73 -51.11 55.57
CA PHE A 779 -4.86 -49.77 55.02
C PHE A 779 -6.07 -49.08 55.65
N ILE A 780 -5.96 -47.77 55.85
CA ILE A 780 -6.94 -47.02 56.62
C ILE A 780 -7.96 -46.32 55.71
N ILE A 781 -7.49 -45.62 54.69
CA ILE A 781 -8.32 -44.81 53.78
C ILE A 781 -9.36 -44.08 54.62
N PRO A 782 -8.98 -43.08 55.40
CA PRO A 782 -9.90 -42.53 56.40
C PRO A 782 -10.99 -41.66 55.81
N SER A 783 -11.12 -41.67 54.48
CA SER A 783 -12.20 -40.94 53.82
C SER A 783 -13.43 -41.82 53.69
N PHE A 803 -11.36 -30.05 71.44
CA PHE A 803 -12.72 -30.07 71.97
C PHE A 803 -13.74 -29.81 70.87
N ILE A 804 -14.42 -28.68 70.95
CA ILE A 804 -15.42 -28.27 69.97
C ILE A 804 -14.75 -27.30 69.02
N MET A 805 -14.46 -27.76 67.80
CA MET A 805 -13.82 -26.95 66.77
C MET A 805 -14.71 -26.93 65.55
N LYS A 806 -15.06 -25.73 65.08
CA LYS A 806 -15.98 -25.55 63.96
C LYS A 806 -15.24 -24.93 62.80
N TYR A 807 -15.43 -25.48 61.61
CA TYR A 807 -14.81 -24.99 60.39
C TYR A 807 -15.89 -24.69 59.36
N ASP A 808 -15.84 -23.49 58.77
CA ASP A 808 -16.57 -23.26 57.54
C ASP A 808 -15.79 -23.87 56.37
N TYR A 809 -16.50 -24.46 55.43
CA TYR A 809 -15.90 -25.30 54.41
C TYR A 809 -14.98 -26.34 55.07
N LEU A 810 -15.61 -27.23 55.83
CA LEU A 810 -14.91 -28.34 56.44
C LEU A 810 -14.12 -29.10 55.38
N PRO A 811 -12.79 -29.07 55.42
CA PRO A 811 -12.01 -29.79 54.43
C PRO A 811 -12.37 -31.27 54.43
N SER A 812 -12.61 -31.81 53.23
CA SER A 812 -13.00 -33.21 53.12
C SER A 812 -11.89 -34.13 53.64
N THR A 813 -10.64 -33.82 53.31
CA THR A 813 -9.49 -34.60 53.76
C THR A 813 -8.81 -33.85 54.91
N ILE A 814 -9.39 -34.00 56.10
CA ILE A 814 -8.74 -33.57 57.33
C ILE A 814 -8.69 -34.77 58.27
N ILE A 815 -9.64 -35.68 58.13
CA ILE A 815 -9.66 -36.95 58.85
C ILE A 815 -8.66 -37.90 58.20
N PRO A 816 -8.57 -37.98 56.87
CA PRO A 816 -7.48 -38.77 56.27
C PRO A 816 -6.09 -38.32 56.71
N ARG A 817 -5.91 -37.02 56.99
CA ARG A 817 -4.61 -36.53 57.42
C ARG A 817 -4.42 -36.64 58.92
N LEU A 818 -5.50 -36.62 59.71
CA LEU A 818 -5.40 -36.84 61.14
C LEU A 818 -5.31 -38.31 61.52
N MET A 819 -5.63 -39.22 60.60
CA MET A 819 -5.54 -40.65 60.85
C MET A 819 -4.24 -41.27 60.36
N ILE A 820 -3.32 -40.47 59.82
CA ILE A 820 -2.03 -41.00 59.42
C ILE A 820 -1.23 -41.45 60.63
N ALA A 821 -1.42 -40.79 61.77
CA ALA A 821 -0.78 -41.20 63.03
C ALA A 821 -1.47 -42.46 63.52
N MET A 822 -1.11 -43.59 62.90
CA MET A 822 -1.69 -44.88 63.24
C MET A 822 -0.87 -45.63 64.29
N GLN A 823 0.47 -45.51 64.23
CA GLN A 823 1.34 -46.09 65.24
C GLN A 823 1.37 -45.25 66.52
N HIS A 824 0.40 -44.35 66.60
CA HIS A 824 0.13 -43.49 67.74
C HIS A 824 -1.24 -43.86 68.29
N GLN A 825 -1.76 -43.01 69.17
CA GLN A 825 -2.94 -43.33 69.98
C GLN A 825 -4.08 -43.93 69.16
N ILE A 826 -4.35 -45.22 69.42
CA ILE A 826 -5.42 -45.97 68.77
C ILE A 826 -5.80 -47.10 69.73
N LEU A 827 -7.11 -47.31 69.92
CA LEU A 827 -7.53 -48.34 70.87
C LEU A 827 -7.48 -49.73 70.25
N ASP A 828 -8.36 -50.00 69.29
CA ASP A 828 -8.25 -51.20 68.46
C ASP A 828 -9.15 -51.04 67.24
N ARG A 829 -8.56 -50.84 66.06
CA ARG A 829 -9.28 -50.85 64.78
C ARG A 829 -10.60 -50.09 64.82
N MET A 830 -10.71 -49.07 65.67
CA MET A 830 -11.98 -48.40 65.91
C MET A 830 -12.03 -47.13 65.08
N GLN A 831 -12.64 -47.23 63.90
CA GLN A 831 -12.77 -46.11 62.99
C GLN A 831 -14.16 -46.11 62.39
N TRP A 832 -14.80 -44.94 62.35
CA TRP A 832 -16.13 -44.80 61.77
C TRP A 832 -16.12 -44.56 60.28
N ARG A 833 -14.95 -44.31 59.68
CA ARG A 833 -14.75 -43.78 58.34
C ARG A 833 -15.15 -42.30 58.33
N TYR A 834 -15.71 -41.84 59.45
CA TYR A 834 -15.91 -40.43 59.75
C TYR A 834 -15.33 -40.07 61.10
N GLY A 835 -14.73 -41.03 61.80
CA GLY A 835 -14.17 -40.83 63.10
C GLY A 835 -13.22 -41.94 63.45
N MET A 836 -12.76 -41.94 64.70
CA MET A 836 -11.76 -42.91 65.15
C MET A 836 -11.72 -42.88 66.66
N VAL A 837 -11.04 -43.88 67.24
CA VAL A 837 -10.82 -43.96 68.67
C VAL A 837 -9.31 -44.05 68.93
N LEU A 838 -8.85 -43.34 69.94
CA LEU A 838 -7.44 -43.25 70.26
C LEU A 838 -7.17 -43.77 71.67
N LYS A 839 -5.99 -44.37 71.86
CA LYS A 839 -5.55 -44.86 73.17
C LYS A 839 -4.11 -44.42 73.38
N SER A 840 -3.90 -43.51 74.32
CA SER A 840 -2.59 -42.92 74.51
C SER A 840 -1.59 -43.95 75.02
N GLN A 841 -0.50 -44.15 74.28
CA GLN A 841 0.60 -45.00 74.70
C GLN A 841 1.70 -44.22 75.42
N ASP A 842 1.51 -42.93 75.63
CA ASP A 842 2.49 -42.09 76.30
C ASP A 842 2.36 -42.28 77.82
N HIS A 843 2.97 -41.38 78.58
CA HIS A 843 2.92 -41.45 80.04
C HIS A 843 1.48 -41.46 80.52
N GLU A 844 1.22 -42.28 81.54
CA GLU A 844 -0.12 -42.50 82.08
C GLU A 844 -1.03 -43.11 81.01
N GLY A 845 -2.34 -43.09 81.26
CA GLY A 845 -3.28 -43.68 80.33
C GLY A 845 -4.47 -42.78 80.02
N ALA A 846 -4.64 -42.45 78.75
CA ALA A 846 -5.75 -41.60 78.30
C ALA A 846 -6.42 -42.24 77.10
N LEU A 847 -7.76 -42.16 77.08
CA LEU A 847 -8.57 -42.67 75.98
C LEU A 847 -9.19 -41.50 75.24
N ALA A 848 -9.04 -41.48 73.92
CA ALA A 848 -9.49 -40.36 73.10
C ALA A 848 -10.25 -40.87 71.89
N LYS A 849 -11.05 -39.98 71.31
CA LYS A 849 -11.79 -40.30 70.09
C LYS A 849 -12.15 -39.02 69.38
N VAL A 850 -11.82 -38.93 68.09
CA VAL A 850 -12.15 -37.79 67.25
C VAL A 850 -13.04 -38.26 66.11
N VAL A 851 -14.18 -37.60 65.93
CA VAL A 851 -15.17 -37.96 64.92
C VAL A 851 -15.69 -36.71 64.25
N ALA A 852 -16.01 -36.84 62.97
CA ALA A 852 -16.46 -35.73 62.14
C ALA A 852 -17.94 -35.84 61.82
N GLU A 853 -18.55 -34.69 61.52
CA GLU A 853 -19.95 -34.59 61.17
C GLU A 853 -20.08 -33.67 59.96
N THR A 854 -20.23 -34.27 58.78
CA THR A 854 -20.28 -33.50 57.54
C THR A 854 -21.51 -32.59 57.51
N LYS A 855 -22.66 -33.07 58.00
CA LYS A 855 -23.87 -32.28 57.97
C LYS A 855 -23.79 -31.03 58.82
N ASP A 856 -22.89 -31.00 59.80
CA ASP A 856 -22.71 -29.84 60.66
C ASP A 856 -21.37 -29.14 60.48
N SER A 857 -20.45 -29.73 59.71
CA SER A 857 -19.12 -29.18 59.49
C SER A 857 -18.41 -28.94 60.83
N THR A 858 -18.42 -29.96 61.69
CA THR A 858 -17.85 -29.88 63.02
C THR A 858 -16.99 -31.10 63.29
N ILE A 859 -16.14 -30.98 64.30
CA ILE A 859 -15.25 -32.05 64.72
C ILE A 859 -15.34 -32.16 66.24
N THR A 860 -15.35 -33.38 66.75
CA THR A 860 -15.46 -33.62 68.18
C THR A 860 -14.18 -34.25 68.72
N ILE A 861 -13.93 -34.02 70.00
CA ILE A 861 -12.74 -34.53 70.67
C ILE A 861 -13.15 -35.18 71.99
N ALA A 862 -12.69 -36.41 72.20
CA ALA A 862 -12.93 -37.13 73.44
C ALA A 862 -11.64 -37.21 74.24
N ILE A 863 -11.78 -37.21 75.56
CA ILE A 863 -10.63 -37.29 76.45
C ILE A 863 -11.05 -37.79 77.82
N ILE A 876 -1.50 -32.88 71.69
CA ILE A 876 -0.99 -33.63 70.56
C ILE A 876 -2.02 -33.67 69.44
N ILE A 877 -3.27 -33.94 69.80
CA ILE A 877 -4.35 -33.99 68.81
C ILE A 877 -4.55 -32.61 68.20
N TRP A 878 -4.58 -31.57 69.04
CA TRP A 878 -4.71 -30.21 68.52
C TRP A 878 -3.50 -29.82 67.69
N TYR A 879 -2.31 -30.25 68.10
CA TYR A 879 -1.11 -29.96 67.33
C TYR A 879 -1.18 -30.58 65.94
N GLU A 880 -1.64 -31.84 65.86
CA GLU A 880 -1.77 -32.49 64.56
C GLU A 880 -2.85 -31.82 63.71
N ILE A 881 -3.96 -31.42 64.34
CA ILE A 881 -5.03 -30.74 63.61
C ILE A 881 -4.52 -29.42 63.03
N LYS A 882 -3.74 -28.67 63.82
CA LYS A 882 -3.17 -27.41 63.33
C LYS A 882 -2.14 -27.66 62.24
N LYS A 883 -1.32 -28.70 62.39
CA LYS A 883 -0.33 -29.01 61.36
C LYS A 883 -1.00 -29.42 60.06
N ILE A 884 -2.20 -29.99 60.14
CA ILE A 884 -2.91 -30.37 58.92
C ILE A 884 -3.64 -29.18 58.31
N ASN A 885 -4.28 -28.35 59.14
CA ASN A 885 -4.99 -27.19 58.61
C ASN A 885 -4.05 -26.06 58.21
N ALA A 886 -2.76 -26.17 58.53
CA ALA A 886 -1.80 -25.16 58.09
C ALA A 886 -1.70 -25.10 56.57
N ASN A 887 -2.02 -26.19 55.88
CA ASN A 887 -1.99 -26.22 54.43
C ASN A 887 -3.25 -25.62 53.84
N PHE A 888 -3.60 -24.40 54.29
CA PHE A 888 -4.75 -23.69 53.78
C PHE A 888 -4.44 -22.20 53.82
N THR A 889 -5.06 -21.45 52.92
CA THR A 889 -4.80 -20.03 52.75
C THR A 889 -6.00 -19.24 53.27
N ASN A 890 -5.86 -18.68 54.48
CA ASN A 890 -6.90 -17.88 55.11
C ASN A 890 -8.20 -18.67 55.29
N LEU A 891 -8.07 -19.87 55.84
CA LEU A 891 -9.22 -20.71 56.14
C LEU A 891 -9.72 -20.39 57.54
N ASP A 892 -10.93 -19.83 57.63
CA ASP A 892 -11.47 -19.44 58.92
C ASP A 892 -11.82 -20.66 59.76
N VAL A 893 -11.52 -20.58 61.05
CA VAL A 893 -11.78 -21.67 61.98
C VAL A 893 -12.46 -21.10 63.22
N LYS A 894 -13.21 -21.95 63.92
CA LYS A 894 -13.92 -21.55 65.13
C LYS A 894 -13.72 -22.60 66.20
N GLU A 895 -13.39 -22.16 67.41
CA GLU A 895 -13.17 -23.05 68.54
C GLU A 895 -14.21 -22.80 69.62
N PHE A 896 -14.68 -23.87 70.24
CA PHE A 896 -15.67 -23.76 71.31
C PHE A 896 -15.43 -24.81 72.39
N GLN B 13 -24.74 13.70 24.09
CA GLN B 13 -25.65 14.02 25.18
C GLN B 13 -25.68 12.86 26.19
N ALA B 14 -26.31 13.09 27.34
CA ALA B 14 -26.27 12.13 28.43
C ALA B 14 -26.96 10.82 28.04
N GLY B 15 -26.25 9.70 28.23
CA GLY B 15 -26.79 8.41 27.86
C GLY B 15 -26.98 8.22 26.37
N GLY B 16 -26.09 8.78 25.56
CA GLY B 16 -26.14 8.67 24.12
C GLY B 16 -25.23 7.58 23.58
N SER B 17 -24.77 7.79 22.35
CA SER B 17 -23.86 6.86 21.68
C SER B 17 -22.72 7.63 21.04
N LEU B 18 -21.54 7.02 21.03
CA LEU B 18 -20.35 7.67 20.47
C LEU B 18 -19.34 6.60 20.10
N ARG B 19 -19.08 6.43 18.80
CA ARG B 19 -18.12 5.44 18.33
C ARG B 19 -16.80 6.13 18.01
N LEU B 20 -15.74 5.74 18.71
CA LEU B 20 -14.41 6.28 18.50
C LEU B 20 -13.57 5.23 17.78
N SER B 21 -12.90 5.65 16.71
CA SER B 21 -12.05 4.77 15.92
C SER B 21 -10.60 5.16 16.10
N CYS B 22 -9.75 4.16 16.32
CA CYS B 22 -8.31 4.37 16.49
C CYS B 22 -7.59 3.43 15.53
N ALA B 23 -6.84 3.98 14.59
CA ALA B 23 -6.23 3.22 13.52
C ALA B 23 -4.71 3.17 13.69
N ASN B 24 -4.14 2.00 13.42
CA ASN B 24 -2.69 1.81 13.43
C ASN B 24 -2.30 1.09 12.14
N SER B 25 -1.27 1.62 11.47
CA SER B 25 -0.85 1.10 10.17
C SER B 25 0.64 0.82 10.19
N GLY B 26 1.01 -0.37 9.72
CA GLY B 26 2.41 -0.74 9.57
C GLY B 26 3.21 -0.74 10.87
N LEU B 27 2.85 -1.63 11.79
CA LEU B 27 3.57 -1.76 13.05
C LEU B 27 3.64 -3.25 13.41
N THR B 28 4.00 -3.53 14.65
CA THR B 28 4.19 -4.91 15.10
C THR B 28 2.90 -5.71 14.96
N PHE B 29 1.78 -5.13 15.39
CA PHE B 29 0.46 -5.73 15.27
C PHE B 29 0.37 -7.03 16.08
N SER B 30 1.06 -8.08 15.62
CA SER B 30 1.08 -9.34 16.35
C SER B 30 1.68 -9.16 17.74
N THR B 31 2.79 -8.44 17.82
CA THR B 31 3.38 -8.08 19.11
C THR B 31 2.89 -6.71 19.57
N TYR B 32 1.57 -6.55 19.63
CA TYR B 32 0.98 -5.29 20.05
C TYR B 32 -0.45 -5.55 20.52
N THR B 33 -0.81 -4.94 21.65
CA THR B 33 -2.17 -4.96 22.17
C THR B 33 -2.64 -3.52 22.28
N MET B 34 -3.89 -3.26 21.92
CA MET B 34 -4.45 -1.92 21.89
C MET B 34 -5.36 -1.72 23.09
N GLY B 35 -5.05 -0.74 23.92
CA GLY B 35 -5.85 -0.44 25.09
C GLY B 35 -6.31 1.00 25.11
N TRP B 36 -7.57 1.19 25.52
CA TRP B 36 -8.14 2.52 25.65
C TRP B 36 -8.04 2.96 27.11
N PHE B 37 -7.59 4.19 27.32
CA PHE B 37 -7.40 4.72 28.66
C PHE B 37 -8.05 6.09 28.78
N ARG B 38 -8.92 6.25 29.77
CA ARG B 38 -9.65 7.50 29.97
C ARG B 38 -9.08 8.24 31.17
N GLN B 39 -8.58 9.45 30.95
CA GLN B 39 -8.11 10.28 32.06
C GLN B 39 -8.13 11.75 31.64
N ALA B 40 -9.19 12.47 32.04
CA ALA B 40 -9.21 13.91 31.85
C ALA B 40 -8.40 14.64 32.93
N PRO B 41 -8.75 14.51 34.25
CA PRO B 41 -8.08 15.31 35.29
C PRO B 41 -6.87 14.64 35.90
N GLY B 42 -5.94 14.19 35.05
CA GLY B 42 -4.76 13.50 35.54
C GLY B 42 -5.09 12.25 36.33
N LYS B 43 -5.97 11.42 35.78
CA LYS B 43 -6.50 10.25 36.48
C LYS B 43 -5.54 9.05 36.41
N GLU B 44 -4.26 9.30 36.14
CA GLU B 44 -3.21 8.28 36.15
C GLU B 44 -3.44 7.19 35.10
N ARG B 45 -4.08 7.56 33.99
CA ARG B 45 -4.27 6.67 32.84
C ARG B 45 -5.00 5.38 33.25
N GLU B 46 -6.24 5.55 33.68
CA GLU B 46 -7.04 4.41 34.12
C GLU B 46 -7.38 3.51 32.93
N PHE B 47 -7.31 2.21 33.16
CA PHE B 47 -7.58 1.23 32.12
C PHE B 47 -9.08 1.09 31.90
N VAL B 48 -9.49 1.13 30.63
CA VAL B 48 -10.90 1.04 30.25
C VAL B 48 -11.20 -0.29 29.56
N ALA B 49 -10.56 -0.55 28.42
CA ALA B 49 -10.80 -1.77 27.67
C ALA B 49 -9.63 -2.01 26.73
N ALA B 50 -9.06 -3.21 26.78
CA ALA B 50 -7.96 -3.58 25.91
C ALA B 50 -8.36 -4.76 25.04
N ILE B 51 -7.58 -4.95 23.98
CA ILE B 51 -7.81 -6.06 23.06
C ILE B 51 -6.47 -6.46 22.44
N ARG B 52 -6.14 -7.74 22.57
CA ARG B 52 -5.02 -8.34 21.84
C ARG B 52 -5.57 -9.16 20.68
N TRP B 53 -6.14 -8.45 19.70
CA TRP B 53 -6.72 -9.14 18.56
C TRP B 53 -5.65 -9.46 17.54
N SER B 54 -5.70 -10.68 17.01
CA SER B 54 -4.76 -11.18 16.01
C SER B 54 -5.60 -11.75 14.87
N GLY B 55 -5.84 -10.93 13.85
CA GLY B 55 -6.77 -11.33 12.81
C GLY B 55 -8.17 -11.48 13.39
N THR B 56 -8.84 -12.57 13.02
CA THR B 56 -10.15 -12.86 13.59
C THR B 56 -10.07 -13.24 15.06
N SER B 57 -8.91 -13.68 15.53
CA SER B 57 -8.77 -14.12 16.91
C SER B 57 -8.69 -12.92 17.85
N THR B 58 -8.96 -13.19 19.14
CA THR B 58 -8.91 -12.18 20.18
C THR B 58 -8.58 -12.88 21.49
N TYR B 59 -7.58 -12.37 22.20
CA TYR B 59 -7.04 -13.04 23.38
C TYR B 59 -7.45 -12.36 24.68
N TYR B 60 -7.18 -11.06 24.85
CA TYR B 60 -7.36 -10.46 26.16
C TYR B 60 -8.83 -10.08 26.41
N GLN B 61 -9.35 -9.14 25.65
CA GLN B 61 -10.78 -8.81 25.61
C GLN B 61 -11.37 -8.71 27.03
N ASP B 62 -10.93 -7.68 27.75
CA ASP B 62 -11.40 -7.48 29.12
C ASP B 62 -11.78 -6.02 29.33
N HIS B 63 -12.67 -5.80 30.29
CA HIS B 63 -13.17 -4.46 30.62
C HIS B 63 -12.86 -4.12 32.08
N ALA B 64 -13.40 -3.00 32.56
CA ALA B 64 -13.24 -2.61 33.95
C ALA B 64 -14.37 -1.66 34.33
N ASP B 65 -14.81 -1.77 35.59
CA ASP B 65 -15.78 -0.84 36.17
C ASP B 65 -17.09 -0.82 35.38
N SER B 66 -17.21 0.13 34.45
CA SER B 66 -18.41 0.25 33.64
C SER B 66 -18.73 -1.05 32.90
N VAL B 67 -17.68 -1.81 32.56
CA VAL B 67 -17.82 -3.18 32.05
C VAL B 67 -18.48 -3.18 30.69
N LYS B 68 -19.00 -4.34 30.29
CA LYS B 68 -19.56 -4.52 28.96
C LYS B 68 -21.00 -3.99 28.90
N GLY B 69 -21.54 -3.94 27.69
CA GLY B 69 -22.85 -3.37 27.46
C GLY B 69 -22.81 -1.85 27.55
N ARG B 70 -22.38 -1.35 28.70
CA ARG B 70 -22.13 0.07 28.85
C ARG B 70 -21.07 0.54 27.85
N PHE B 71 -19.92 -0.12 27.82
CA PHE B 71 -18.83 0.19 26.90
C PHE B 71 -18.58 -1.05 26.04
N THR B 72 -18.57 -0.87 24.72
CA THR B 72 -18.32 -1.98 23.81
C THR B 72 -16.98 -1.77 23.11
N ILE B 73 -16.22 -2.85 22.93
CA ILE B 73 -14.92 -2.78 22.27
C ILE B 73 -14.90 -3.77 21.12
N SER B 74 -14.37 -3.34 19.98
CA SER B 74 -14.28 -4.22 18.82
C SER B 74 -13.03 -3.86 18.04
N ARG B 75 -12.61 -4.78 17.17
CA ARG B 75 -11.45 -4.57 16.32
C ARG B 75 -11.74 -5.13 14.94
N ASP B 76 -11.45 -4.34 13.90
CA ASP B 76 -11.62 -4.79 12.53
C ASP B 76 -10.27 -4.81 11.83
N ASN B 77 -9.94 -5.94 11.21
CA ASN B 77 -8.70 -6.14 10.48
C ASN B 77 -8.76 -5.67 9.04
N ALA B 78 -9.95 -5.29 8.55
CA ALA B 78 -10.06 -4.80 7.18
C ALA B 78 -9.26 -3.53 6.99
N LYS B 79 -9.30 -2.62 7.97
CA LYS B 79 -8.52 -1.39 7.93
C LYS B 79 -7.63 -1.23 9.16
N ASN B 80 -7.43 -2.30 9.94
CA ASN B 80 -6.57 -2.29 11.12
C ASN B 80 -6.97 -1.18 12.10
N THR B 81 -8.19 -1.29 12.61
CA THR B 81 -8.74 -0.26 13.47
C THR B 81 -9.38 -0.90 14.69
N VAL B 82 -9.45 -0.13 15.78
CA VAL B 82 -10.11 -0.53 17.01
C VAL B 82 -11.21 0.48 17.30
N TYR B 83 -12.41 -0.02 17.61
CA TYR B 83 -13.60 0.80 17.77
C TYR B 83 -14.12 0.68 19.20
N LEU B 84 -14.34 1.83 19.83
CA LEU B 84 -14.89 1.92 21.18
C LEU B 84 -16.28 2.54 21.08
N GLN B 85 -17.30 1.77 21.45
CA GLN B 85 -18.68 2.22 21.39
C GLN B 85 -19.13 2.66 22.77
N MET B 86 -19.57 3.92 22.86
CA MET B 86 -20.01 4.56 24.09
C MET B 86 -21.53 4.55 24.09
N ASN B 87 -22.11 3.86 25.07
CA ASN B 87 -23.56 3.79 25.20
C ASN B 87 -23.93 3.99 26.67
N SER B 88 -25.08 4.61 26.88
CA SER B 88 -25.55 4.96 28.23
C SER B 88 -24.50 5.76 28.98
N LEU B 89 -23.92 6.74 28.30
CA LEU B 89 -22.81 7.52 28.84
C LEU B 89 -23.29 8.33 30.03
N LYS B 90 -22.68 8.10 31.19
CA LYS B 90 -23.00 8.85 32.40
C LYS B 90 -22.26 10.18 32.39
N PRO B 91 -22.95 11.30 32.61
CA PRO B 91 -22.31 12.61 32.42
C PRO B 91 -21.08 12.83 33.29
N GLU B 92 -21.07 12.32 34.53
CA GLU B 92 -19.90 12.49 35.38
C GLU B 92 -18.70 11.68 34.86
N ASP B 93 -18.94 10.68 34.01
CA ASP B 93 -17.86 9.92 33.39
C ASP B 93 -17.30 10.70 32.19
N THR B 94 -16.89 11.94 32.45
CA THR B 94 -16.34 12.82 31.44
C THR B 94 -14.82 12.72 31.49
N ALA B 95 -14.23 12.12 30.45
CA ALA B 95 -12.79 11.97 30.40
C ALA B 95 -12.36 11.88 28.94
N VAL B 96 -11.07 12.10 28.71
CA VAL B 96 -10.47 12.02 27.38
C VAL B 96 -9.84 10.64 27.23
N TYR B 97 -10.02 10.05 26.05
CA TYR B 97 -9.60 8.69 25.76
C TYR B 97 -8.33 8.69 24.92
N TYR B 98 -7.38 7.84 25.29
CA TYR B 98 -6.11 7.69 24.60
C TYR B 98 -5.90 6.23 24.22
N CYS B 99 -5.17 6.03 23.13
CA CYS B 99 -4.82 4.70 22.65
C CYS B 99 -3.40 4.37 23.09
N ALA B 100 -3.20 3.16 23.62
CA ALA B 100 -1.89 2.73 24.07
C ALA B 100 -1.58 1.35 23.48
N ALA B 101 -0.32 1.15 23.12
CA ALA B 101 0.12 -0.09 22.49
C ALA B 101 1.12 -0.80 23.39
N SER B 102 0.88 -2.09 23.63
CA SER B 102 1.81 -2.92 24.39
C SER B 102 2.51 -3.89 23.47
N ARG B 103 3.81 -4.08 23.69
CA ARG B 103 4.63 -4.89 22.79
C ARG B 103 5.31 -6.10 23.44
N LEU B 104 5.40 -6.14 24.77
CA LEU B 104 6.14 -7.21 25.42
C LEU B 104 5.44 -8.55 25.19
N ARG B 105 6.24 -9.59 24.92
CA ARG B 105 5.74 -10.93 24.66
C ARG B 105 6.10 -11.90 25.79
N ALA B 106 6.10 -11.42 27.03
CA ALA B 106 6.39 -12.26 28.19
C ALA B 106 5.43 -11.84 29.31
N GLY B 107 4.36 -12.60 29.47
CA GLY B 107 3.36 -12.27 30.47
C GLY B 107 2.16 -11.55 29.87
N VAL B 108 1.04 -12.26 29.76
CA VAL B 108 -0.16 -11.67 29.17
C VAL B 108 -0.72 -10.60 30.10
N LYS B 109 -1.60 -9.76 29.54
CA LYS B 109 -2.29 -8.71 30.29
C LYS B 109 -1.28 -7.77 30.95
N ALA B 110 -0.53 -7.08 30.09
CA ALA B 110 0.55 -6.20 30.54
C ALA B 110 0.12 -4.75 30.54
N PRO B 111 -0.35 -4.22 31.69
CA PRO B 111 -0.76 -2.81 31.73
C PRO B 111 0.43 -1.86 31.64
N SER B 112 1.46 -2.10 32.46
CA SER B 112 2.62 -1.23 32.51
C SER B 112 3.44 -1.24 31.24
N GLU B 113 3.20 -2.19 30.34
CA GLU B 113 3.92 -2.28 29.09
C GLU B 113 3.26 -1.50 27.96
N TYR B 114 2.19 -0.77 28.26
CA TYR B 114 1.57 0.14 27.29
C TYR B 114 2.43 1.39 27.21
N ASP B 115 3.55 1.26 26.50
CA ASP B 115 4.53 2.35 26.40
C ASP B 115 4.29 3.24 25.19
N TYR B 116 4.01 2.64 24.03
CA TYR B 116 3.80 3.40 22.80
C TYR B 116 2.41 4.03 22.85
N TRP B 117 2.34 5.25 23.37
CA TRP B 117 1.09 5.98 23.40
C TRP B 117 0.68 6.38 21.99
N GLY B 118 -0.64 6.40 21.75
CA GLY B 118 -1.16 6.69 20.42
C GLY B 118 -1.29 8.17 20.13
N GLN B 119 -2.30 8.53 19.34
CA GLN B 119 -2.52 9.92 18.98
C GLN B 119 -3.15 10.70 20.13
N GLN C 3 9.48 20.19 -32.45
CA GLN C 3 8.77 19.62 -31.31
C GLN C 3 9.20 20.29 -30.01
N LEU C 4 8.33 20.21 -29.00
CA LEU C 4 8.58 20.82 -27.70
C LEU C 4 8.84 19.73 -26.68
N GLN C 5 9.95 19.85 -25.95
CA GLN C 5 10.33 18.90 -24.92
C GLN C 5 10.18 19.55 -23.55
N GLU C 6 9.50 18.86 -22.63
CA GLU C 6 9.18 19.40 -21.33
C GLU C 6 9.92 18.63 -20.24
N SER C 7 10.48 19.36 -19.29
CA SER C 7 11.22 18.79 -18.18
C SER C 7 10.61 19.26 -16.87
N GLY C 8 10.28 18.31 -15.99
CA GLY C 8 9.73 18.65 -14.70
C GLY C 8 8.58 17.75 -14.29
N GLY C 9 7.69 18.26 -13.46
CA GLY C 9 6.53 17.52 -13.03
C GLY C 9 6.85 16.56 -11.90
N GLY C 10 5.80 16.10 -11.24
CA GLY C 10 5.96 15.23 -10.10
C GLY C 10 4.88 15.47 -9.08
N LEU C 11 5.08 14.87 -7.91
CA LEU C 11 4.13 14.97 -6.80
C LEU C 11 4.70 15.93 -5.76
N VAL C 12 3.97 16.99 -5.46
CA VAL C 12 4.41 18.03 -4.55
C VAL C 12 3.34 18.23 -3.49
N GLN C 13 3.78 18.41 -2.25
CA GLN C 13 2.85 18.70 -1.16
C GLN C 13 2.18 20.05 -1.40
N PRO C 14 0.98 20.26 -0.89
CA PRO C 14 0.31 21.55 -1.11
C PRO C 14 1.09 22.69 -0.50
N GLY C 15 1.12 23.82 -1.22
CA GLY C 15 1.95 24.94 -0.86
C GLY C 15 3.37 24.85 -1.36
N GLY C 16 3.75 23.77 -2.03
CA GLY C 16 5.09 23.62 -2.55
C GLY C 16 5.36 24.46 -3.78
N SER C 17 6.34 24.06 -4.59
CA SER C 17 6.71 24.81 -5.77
C SER C 17 7.25 23.85 -6.83
N LEU C 18 7.24 24.32 -8.08
CA LEU C 18 7.72 23.53 -9.20
C LEU C 18 8.20 24.48 -10.28
N ARG C 19 9.05 23.95 -11.16
CA ARG C 19 9.58 24.71 -12.30
C ARG C 19 9.51 23.81 -13.52
N LEU C 20 8.48 24.00 -14.34
CA LEU C 20 8.34 23.23 -15.57
C LEU C 20 9.08 23.96 -16.69
N SER C 21 10.05 23.28 -17.29
CA SER C 21 10.80 23.83 -18.40
C SER C 21 10.27 23.28 -19.72
N CYS C 22 10.36 24.09 -20.76
CA CYS C 22 9.87 23.71 -22.08
C CYS C 22 10.83 24.29 -23.12
N ALA C 23 11.49 23.41 -23.85
CA ALA C 23 12.45 23.80 -24.88
C ALA C 23 11.93 23.40 -26.24
N ALA C 24 11.96 24.33 -27.18
CA ALA C 24 11.55 24.07 -28.55
C ALA C 24 12.76 23.64 -29.37
N SER C 25 12.58 22.62 -30.20
CA SER C 25 13.68 22.14 -31.01
C SER C 25 14.11 23.21 -32.02
N GLY C 26 15.29 22.99 -32.60
CA GLY C 26 15.78 23.90 -33.62
C GLY C 26 14.94 23.93 -34.87
N LYS C 27 14.06 22.94 -35.05
CA LYS C 27 13.18 22.94 -36.20
C LYS C 27 12.17 24.07 -36.14
N LEU C 28 11.69 24.40 -34.93
CA LEU C 28 10.71 25.46 -34.76
C LEU C 28 11.42 26.80 -34.87
N LEU C 29 10.98 27.65 -35.81
CA LEU C 29 11.78 28.77 -36.28
C LEU C 29 11.33 30.12 -35.73
N SER C 30 10.08 30.51 -35.97
CA SER C 30 9.61 31.86 -35.68
C SER C 30 8.50 31.79 -34.62
N ILE C 31 8.90 31.85 -33.36
CA ILE C 31 7.97 31.70 -32.25
C ILE C 31 7.45 33.08 -31.86
N ASN C 32 6.15 33.29 -31.99
CA ASN C 32 5.53 34.50 -31.47
C ASN C 32 4.98 34.28 -30.06
N VAL C 33 4.04 33.34 -29.93
CA VAL C 33 3.37 33.06 -28.66
C VAL C 33 3.79 31.68 -28.18
N MET C 34 4.18 31.59 -26.91
CA MET C 34 4.51 30.32 -26.30
C MET C 34 4.01 30.32 -24.85
N GLY C 35 3.47 29.20 -24.40
CA GLY C 35 2.81 29.18 -23.12
C GLY C 35 2.45 27.79 -22.65
N TRP C 36 1.63 27.76 -21.59
CA TRP C 36 1.28 26.57 -20.83
C TRP C 36 -0.23 26.43 -20.70
N TYR C 37 -0.71 25.19 -20.85
CA TYR C 37 -2.11 24.78 -20.77
C TYR C 37 -2.23 23.61 -19.80
N ARG C 38 -3.46 23.29 -19.37
CA ARG C 38 -3.67 22.18 -18.44
C ARG C 38 -4.84 21.30 -18.88
N GLN C 39 -4.78 20.04 -18.46
CA GLN C 39 -5.89 19.09 -18.52
C GLN C 39 -6.10 18.46 -17.15
N ALA C 40 -7.24 18.76 -16.54
CA ALA C 40 -7.67 18.07 -15.34
C ALA C 40 -8.43 16.81 -15.73
N PRO C 41 -8.49 15.82 -14.83
CA PRO C 41 -9.28 14.61 -15.14
C PRO C 41 -10.75 14.95 -15.33
N GLY C 42 -11.27 14.58 -16.50
CA GLY C 42 -12.65 14.91 -16.84
C GLY C 42 -12.91 16.38 -17.02
N LYS C 43 -12.01 17.08 -17.69
CA LYS C 43 -12.16 18.52 -17.96
C LYS C 43 -11.66 18.79 -19.37
N GLN C 44 -11.50 20.07 -19.69
CA GLN C 44 -11.04 20.50 -21.00
C GLN C 44 -9.74 21.29 -20.86
N ARG C 45 -9.04 21.43 -21.99
CA ARG C 45 -7.82 22.22 -22.01
C ARG C 45 -8.13 23.69 -21.78
N GLU C 46 -7.30 24.34 -20.96
CA GLU C 46 -7.48 25.75 -20.64
C GLU C 46 -6.12 26.40 -20.51
N LEU C 47 -6.02 27.64 -20.99
CA LEU C 47 -4.77 28.37 -20.95
C LEU C 47 -4.34 28.62 -19.51
N VAL C 48 -3.06 28.45 -19.24
CA VAL C 48 -2.45 28.93 -18.01
C VAL C 48 -1.69 30.22 -18.24
N ALA C 49 -0.78 30.21 -19.21
CA ALA C 49 0.02 31.40 -19.44
C ALA C 49 0.47 31.47 -20.88
N SER C 50 0.60 32.69 -21.40
CA SER C 50 1.11 32.91 -22.74
C SER C 50 2.04 34.11 -22.73
N ILE C 51 3.16 34.01 -23.43
CA ILE C 51 4.08 35.12 -23.56
C ILE C 51 4.48 35.27 -25.02
N THR C 52 4.78 36.50 -25.41
CA THR C 52 5.06 36.86 -26.79
C THR C 52 6.49 37.35 -26.91
N THR C 53 6.98 37.38 -28.16
CA THR C 53 8.33 37.86 -28.42
C THR C 53 8.51 39.32 -27.99
N GLY C 54 7.43 40.10 -28.00
CA GLY C 54 7.52 41.50 -27.60
C GLY C 54 7.47 41.73 -26.11
N GLY C 55 6.98 40.77 -25.34
CA GLY C 55 6.89 40.93 -23.91
C GLY C 55 5.51 41.23 -23.41
N ARG C 56 4.50 40.54 -23.94
CA ARG C 56 3.13 40.64 -23.47
C ARG C 56 2.73 39.31 -22.83
N ILE C 57 2.22 39.39 -21.61
CA ILE C 57 1.89 38.21 -20.81
C ILE C 57 0.37 38.12 -20.66
N ASN C 58 -0.17 36.94 -20.95
CA ASN C 58 -1.59 36.66 -20.80
C ASN C 58 -1.76 35.56 -19.75
N TYR C 59 -2.49 35.86 -18.69
CA TYR C 59 -2.71 34.94 -17.59
C TYR C 59 -4.16 34.46 -17.58
N ALA C 60 -4.39 33.35 -16.89
CA ALA C 60 -5.66 32.63 -16.99
C ALA C 60 -6.76 33.22 -16.13
N ASP C 61 -6.46 34.23 -15.31
CA ASP C 61 -7.38 34.86 -14.36
C ASP C 61 -7.75 33.93 -13.22
N SER C 62 -7.30 32.67 -13.24
CA SER C 62 -7.43 31.77 -12.11
C SER C 62 -6.10 31.48 -11.43
N VAL C 63 -4.99 31.60 -12.16
CA VAL C 63 -3.65 31.49 -11.59
C VAL C 63 -2.94 32.84 -11.60
N LYS C 64 -3.71 33.93 -11.61
CA LYS C 64 -3.12 35.27 -11.57
C LYS C 64 -2.42 35.48 -10.23
N GLY C 65 -1.20 36.04 -10.29
CA GLY C 65 -0.43 36.24 -9.09
C GLY C 65 0.09 34.97 -8.45
N ARG C 66 -0.09 33.83 -9.09
CA ARG C 66 0.34 32.54 -8.55
C ARG C 66 1.41 31.88 -9.40
N PHE C 67 1.17 31.74 -10.70
CA PHE C 67 2.16 31.17 -11.61
C PHE C 67 2.91 32.30 -12.31
N THR C 68 4.17 32.04 -12.62
CA THR C 68 5.02 33.01 -13.31
C THR C 68 5.60 32.37 -14.56
N ILE C 69 5.48 33.07 -15.69
CA ILE C 69 6.02 32.61 -16.96
C ILE C 69 7.25 33.46 -17.28
N THR C 70 8.33 32.78 -17.67
CA THR C 70 9.53 33.45 -18.12
C THR C 70 9.99 32.82 -19.43
N ARG C 71 10.61 33.63 -20.28
CA ARG C 71 11.05 33.12 -21.57
C ARG C 71 12.44 33.64 -21.92
N ASP C 72 13.19 32.77 -22.59
CA ASP C 72 14.42 33.15 -23.27
C ASP C 72 14.19 33.02 -24.76
N ASN C 73 14.42 34.10 -25.50
CA ASN C 73 14.24 34.15 -26.95
C ASN C 73 15.46 33.65 -27.70
N ALA C 74 16.66 33.88 -27.17
CA ALA C 74 17.87 33.36 -27.80
C ALA C 74 17.81 31.84 -27.91
N LYS C 75 17.73 31.16 -26.77
CA LYS C 75 17.39 29.74 -26.71
C LYS C 75 15.91 29.66 -26.39
N ASN C 76 15.11 29.17 -27.34
CA ASN C 76 13.67 29.34 -27.26
C ASN C 76 13.10 28.49 -26.13
N THR C 77 13.09 29.03 -24.92
CA THR C 77 12.71 28.25 -23.75
C THR C 77 11.72 29.02 -22.90
N VAL C 78 10.69 28.33 -22.41
CA VAL C 78 9.79 28.90 -21.40
C VAL C 78 9.91 28.12 -20.11
N TYR C 79 9.75 28.84 -19.01
CA TYR C 79 9.77 28.28 -17.67
C TYR C 79 8.51 28.73 -16.94
N LEU C 80 7.77 27.77 -16.38
CA LEU C 80 6.64 28.06 -15.52
C LEU C 80 7.08 27.78 -14.09
N GLN C 81 7.23 28.86 -13.32
CA GLN C 81 7.50 28.76 -11.89
C GLN C 81 6.17 28.82 -11.15
N MET C 82 5.82 27.75 -10.47
CA MET C 82 4.50 27.58 -9.87
C MET C 82 4.66 27.42 -8.36
N ASP C 83 3.94 28.24 -7.60
CA ASP C 83 4.06 28.26 -6.15
C ASP C 83 2.67 28.25 -5.52
N SER C 84 2.60 27.71 -4.30
CA SER C 84 1.36 27.60 -3.55
C SER C 84 0.30 26.85 -4.36
N LEU C 85 0.65 25.62 -4.74
CA LEU C 85 -0.19 24.81 -5.62
C LEU C 85 -1.35 24.24 -4.82
N LYS C 86 -2.53 24.82 -5.00
CA LYS C 86 -3.73 24.28 -4.40
C LYS C 86 -4.07 22.93 -5.05
N PRO C 87 -4.76 22.04 -4.33
CA PRO C 87 -4.99 20.69 -4.85
C PRO C 87 -5.90 20.62 -6.07
N GLU C 88 -6.40 21.75 -6.56
CA GLU C 88 -7.16 21.77 -7.80
C GLU C 88 -6.27 21.76 -9.03
N ASP C 89 -4.96 21.81 -8.85
CA ASP C 89 -4.00 21.85 -9.95
C ASP C 89 -3.46 20.48 -10.31
N THR C 90 -4.01 19.42 -9.73
CA THR C 90 -3.50 18.06 -9.96
C THR C 90 -3.88 17.64 -11.38
N ALA C 91 -3.06 18.05 -12.33
CA ALA C 91 -3.42 17.91 -13.73
C ALA C 91 -2.25 17.41 -14.57
N VAL C 92 -2.43 17.45 -15.89
CA VAL C 92 -1.34 17.19 -16.83
C VAL C 92 -1.17 18.46 -17.65
N TYR C 93 0.02 19.05 -17.58
CA TYR C 93 0.29 20.32 -18.21
C TYR C 93 0.92 20.11 -19.58
N TYR C 94 0.54 20.96 -20.53
CA TYR C 94 0.97 20.87 -21.91
C TYR C 94 1.58 22.19 -22.35
N CYS C 95 2.45 22.12 -23.35
CA CYS C 95 3.10 23.28 -23.92
C CYS C 95 2.42 23.66 -25.23
N ASN C 96 2.17 24.95 -25.40
CA ASN C 96 1.60 25.49 -26.63
C ASN C 96 2.59 26.47 -27.22
N ALA C 97 2.77 26.38 -28.54
CA ALA C 97 3.64 27.33 -29.23
C ALA C 97 3.04 27.64 -30.59
N ASP C 98 3.44 28.78 -31.15
CA ASP C 98 3.19 29.05 -32.56
C ASP C 98 4.51 29.29 -33.26
N GLY C 99 4.60 28.86 -34.51
CA GLY C 99 5.85 28.99 -35.23
C GLY C 99 5.85 28.15 -36.49
N ILE C 100 7.05 27.95 -37.02
CA ILE C 100 7.23 27.35 -38.33
C ILE C 100 8.15 26.14 -38.21
N ILE C 101 7.70 25.00 -38.72
CA ILE C 101 8.56 23.83 -38.92
C ILE C 101 8.57 23.52 -40.42
N ALA C 102 9.75 23.51 -41.01
CA ALA C 102 9.93 23.21 -42.43
C ALA C 102 9.00 24.06 -43.30
N GLY C 103 8.91 25.35 -42.99
CA GLY C 103 8.16 26.28 -43.82
C GLY C 103 6.67 26.28 -43.62
N LEU C 104 6.14 25.49 -42.69
CA LEU C 104 4.72 25.46 -42.40
C LEU C 104 4.45 26.06 -41.03
N TYR C 105 3.42 26.89 -40.95
CA TYR C 105 3.08 27.62 -39.73
C TYR C 105 1.76 27.12 -39.17
N GLN C 106 1.78 26.72 -37.89
CA GLN C 106 0.57 26.43 -37.13
C GLN C 106 0.62 27.20 -35.82
N ASN C 107 -0.52 27.77 -35.43
CA ASN C 107 -0.61 28.51 -34.19
C ASN C 107 -0.68 27.61 -32.96
N ASP C 108 -0.75 26.29 -33.13
CA ASP C 108 -0.90 25.36 -32.01
C ASP C 108 0.04 24.17 -32.21
N HIS C 109 1.24 24.27 -31.68
CA HIS C 109 2.17 23.14 -31.55
C HIS C 109 2.17 22.72 -30.10
N TRP C 110 1.86 21.45 -29.84
CA TRP C 110 1.67 20.94 -28.49
C TRP C 110 2.82 20.04 -28.08
N GLY C 111 3.08 20.01 -26.76
CA GLY C 111 4.02 19.07 -26.19
C GLY C 111 3.36 17.76 -25.82
N GLN C 112 4.15 16.88 -25.20
CA GLN C 112 3.62 15.59 -24.77
C GLN C 112 2.78 15.71 -23.51
N GLY C 113 3.14 16.60 -22.62
CA GLY C 113 2.41 16.72 -21.38
C GLY C 113 3.18 16.11 -20.22
N THR C 114 2.99 16.68 -19.03
CA THR C 114 3.70 16.22 -17.85
C THR C 114 2.77 16.33 -16.65
N GLN C 115 2.76 15.29 -15.82
CA GLN C 115 1.82 15.22 -14.71
C GLN C 115 2.34 15.99 -13.50
N VAL C 116 1.49 16.85 -12.95
CA VAL C 116 1.75 17.55 -11.70
C VAL C 116 0.64 17.14 -10.73
N THR C 117 1.03 16.57 -9.59
CA THR C 117 0.08 16.10 -8.60
C THR C 117 0.34 16.79 -7.27
N VAL C 118 -0.73 17.00 -6.52
CA VAL C 118 -0.63 17.64 -5.22
C VAL C 118 -1.35 16.82 -4.15
#